data_1X81
#
_entry.id   1X81
#
_cell.length_a   170.086
_cell.length_b   170.086
_cell.length_c   69.133
_cell.angle_alpha   90
_cell.angle_beta   90
_cell.angle_gamma   120
#
_symmetry.space_group_name_H-M   'P 61'
#
loop_
_entity.id
_entity.type
_entity.pdbx_description
1 polymer 'Protein farnesyltransferase/geranylgeranyltransferase type I alpha subunit'
2 polymer 'Protein farnesyltransferase beta subunit'
3 non-polymer 'ZINC ION'
4 non-polymer 6-[(S)-AMINO(4-CHLOROPHENYL)(1-METHYL-1H-IMIDAZOL-5-YL)METHYL]-4-(3-CHLOROPHENYL)-1-METHYLQUINOLIN-2(1H)-ONE
#
loop_
_entity_poly.entity_id
_entity_poly.type
_entity_poly.pdbx_seq_one_letter_code
_entity_poly.pdbx_strand_id
1 'polypeptide(L)'
;FLSLDSPTYVLYRDRAEWADIDPVPQNDGPSPVVQIIYSEKFRDVYDYFRAVLQRDERSERAFKLTRDAIELNAANYTVW
HFRRVLLRSLQKDLQEEMNYIIAIIEEQPKNYQVWHHRRVLVEWLKDPSQELEFIADILNQDAKNYHAWQHRQWVIQEFR
LWDNELQYVDQLLKEDVRNNSVWNQRHFVISNTTGYSDRAVLEREVQYTLEMIKLVPHNESAWNYLKGILQDRGLSRYPN
LLNQLLDLQPSHSSPYLIAFLVDIYEDMLENQCDNKEDILNKALELCEILAKEKDTIRKEYWRYIGRSLQSKHSR
;
A
2 'polypeptide(L)'
;PLYSLRPEHARERLQDDSVETVTSIEQAKVEEKIQEVFSSYKFNHLVPRLVLQREKHFHYLKRGLRQLTDAYECLDASRP
WLCYWILHSLELLDEPIPQIVATDVCQFLELCQSPDGGFGGGPGQYPHLAPTYAAVNALCIIGTEEAYNVINREKLLQYL
YSLKQPDGSFLMHVGGEVDVRSAYCAASVASLTNIITPDLFEGTAEWIARCQNWEGGIGGVPGMEAHGGYTFCGLAALVI
LKKERSLNLKSLLQWVTSRQMRFEGGFQGRCNKLVDGCYSFWQAGLLPLLHRALHAQGDPALSMSHWMFHQQALQEYILM
CCQCPAGGLLDKPGKSRDFYHTCYCLSGLSIAQHFGSGAMLHDVVMGVPENVLQPTHPVYNIGPDKVIQATTHFLQK
;
B
#
loop_
_chem_comp.id
_chem_comp.type
_chem_comp.name
_chem_comp.formula
JAN non-polymer 6-[(S)-AMINO(4-CHLOROPHENYL)(1-METHYL-1H-IMIDAZOL-5-YL)METHYL]-4-(3-CHLOROPHENYL)-1-METHYLQUINOLIN-2(1H)-ONE 'C27 H22 Cl2 N4 O'
ZN non-polymer 'ZINC ION' 'Zn 2'
#
# COMPACT_ATOMS: atom_id res chain seq x y z
N PHE A 1 -37.56 1.79 -12.42
CA PHE A 1 -36.73 1.91 -11.19
C PHE A 1 -36.62 0.62 -10.36
N LEU A 2 -36.31 -0.48 -11.04
CA LEU A 2 -36.18 -1.79 -10.40
C LEU A 2 -35.00 -1.96 -9.44
N SER A 3 -34.28 -3.05 -9.61
CA SER A 3 -33.12 -3.34 -8.78
C SER A 3 -32.32 -4.51 -9.34
N LEU A 4 -30.99 -4.35 -9.34
CA LEU A 4 -30.11 -5.39 -9.85
C LEU A 4 -30.35 -6.72 -9.20
N ASP A 5 -30.88 -6.68 -7.98
CA ASP A 5 -31.05 -7.94 -7.32
C ASP A 5 -32.43 -8.56 -7.12
N SER A 6 -33.48 -7.81 -7.41
CA SER A 6 -34.84 -8.36 -7.28
C SER A 6 -34.98 -9.67 -8.05
N PRO A 7 -35.71 -10.67 -7.49
CA PRO A 7 -35.92 -11.95 -8.13
C PRO A 7 -36.76 -11.75 -9.38
N THR A 8 -37.30 -10.55 -9.49
CA THR A 8 -38.15 -10.17 -10.60
C THR A 8 -37.38 -9.36 -11.65
N TYR A 9 -36.04 -9.29 -11.47
CA TYR A 9 -35.14 -8.58 -12.36
C TYR A 9 -35.17 -9.16 -13.75
N VAL A 10 -34.94 -8.30 -14.75
CA VAL A 10 -34.92 -8.75 -16.14
C VAL A 10 -33.77 -8.07 -16.87
N LEU A 11 -33.11 -8.79 -17.77
CA LEU A 11 -31.99 -8.23 -18.51
C LEU A 11 -32.47 -6.97 -19.25
N TYR A 12 -31.53 -6.14 -19.70
CA TYR A 12 -31.92 -4.95 -20.43
C TYR A 12 -32.31 -5.38 -21.85
N ARG A 13 -31.72 -6.48 -22.31
CA ARG A 13 -32.02 -7.02 -23.63
C ARG A 13 -33.51 -7.39 -23.74
N ASP A 14 -34.02 -8.11 -22.73
CA ASP A 14 -35.43 -8.51 -22.74
C ASP A 14 -36.32 -7.41 -22.21
N ARG A 15 -35.95 -6.17 -22.50
CA ARG A 15 -36.74 -5.03 -22.05
C ARG A 15 -37.34 -4.19 -23.14
N ALA A 16 -38.47 -3.57 -22.79
CA ALA A 16 -39.20 -2.70 -23.69
C ALA A 16 -38.58 -1.32 -23.62
N GLU A 17 -38.39 -0.81 -22.40
CA GLU A 17 -37.83 0.50 -22.18
C GLU A 17 -36.57 0.69 -22.99
N TRP A 18 -35.87 -0.41 -23.25
CA TRP A 18 -34.62 -0.34 -23.98
C TRP A 18 -34.64 -0.99 -25.35
N ALA A 19 -35.79 -1.00 -26.00
CA ALA A 19 -35.91 -1.64 -27.29
C ALA A 19 -35.29 -0.87 -28.45
N ASP A 20 -35.39 0.44 -28.35
CA ASP A 20 -34.93 1.34 -29.39
C ASP A 20 -33.44 1.55 -29.49
N ILE A 21 -32.67 0.87 -28.64
CA ILE A 21 -31.24 1.12 -28.67
C ILE A 21 -30.38 -0.13 -28.78
N ASP A 22 -29.48 -0.14 -29.76
CA ASP A 22 -28.59 -1.29 -29.96
C ASP A 22 -27.48 -1.34 -28.93
N PRO A 23 -27.34 -2.47 -28.24
CA PRO A 23 -26.27 -2.58 -27.25
C PRO A 23 -24.96 -2.59 -28.02
N VAL A 24 -23.85 -2.23 -27.37
CA VAL A 24 -22.53 -2.20 -28.02
C VAL A 24 -21.61 -3.17 -27.31
N PRO A 25 -21.25 -4.30 -27.95
CA PRO A 25 -20.37 -5.29 -27.32
C PRO A 25 -18.99 -4.75 -27.00
N GLN A 26 -18.20 -5.55 -26.29
CA GLN A 26 -16.87 -5.13 -25.94
C GLN A 26 -15.97 -5.43 -27.12
N ASN A 27 -14.78 -4.84 -27.13
CA ASN A 27 -13.83 -5.02 -28.22
C ASN A 27 -12.51 -5.62 -27.71
N ASP A 28 -12.53 -6.85 -27.21
CA ASP A 28 -11.28 -7.41 -26.71
C ASP A 28 -10.34 -7.74 -27.84
N GLY A 29 -10.78 -7.52 -29.07
CA GLY A 29 -9.94 -7.79 -30.24
C GLY A 29 -10.09 -9.20 -30.80
N PRO A 30 -9.42 -9.53 -31.92
CA PRO A 30 -9.55 -10.87 -32.49
C PRO A 30 -9.06 -11.98 -31.56
N SER A 31 -7.92 -11.76 -30.90
CA SER A 31 -7.35 -12.75 -29.97
C SER A 31 -7.17 -12.14 -28.56
N PRO A 32 -8.23 -12.20 -27.73
CA PRO A 32 -8.34 -11.70 -26.37
C PRO A 32 -7.36 -12.23 -25.33
N VAL A 33 -6.90 -11.32 -24.46
CA VAL A 33 -5.98 -11.65 -23.38
C VAL A 33 -6.63 -11.25 -22.09
N VAL A 34 -6.22 -11.88 -21.01
CA VAL A 34 -6.76 -11.63 -19.68
C VAL A 34 -8.17 -11.17 -19.80
N GLN A 35 -8.91 -11.90 -20.62
CA GLN A 35 -10.30 -11.63 -20.88
C GLN A 35 -11.14 -12.31 -19.85
N ILE A 36 -12.18 -11.63 -19.42
CA ILE A 36 -13.08 -12.15 -18.40
C ILE A 36 -14.30 -12.79 -19.07
N ILE A 37 -14.75 -13.90 -18.52
CA ILE A 37 -15.90 -14.60 -19.05
C ILE A 37 -17.11 -14.08 -18.28
N TYR A 38 -17.40 -12.80 -18.49
CA TYR A 38 -18.50 -12.11 -17.84
C TYR A 38 -19.72 -13.03 -17.75
N SER A 39 -20.58 -12.85 -16.75
CA SER A 39 -21.76 -13.70 -16.70
C SER A 39 -22.66 -13.20 -17.81
N GLU A 40 -23.94 -13.53 -17.80
CA GLU A 40 -24.76 -13.01 -18.88
C GLU A 40 -25.52 -11.81 -18.36
N LYS A 41 -25.69 -11.73 -17.05
CA LYS A 41 -26.39 -10.60 -16.45
C LYS A 41 -25.49 -9.37 -16.48
N PHE A 42 -24.21 -9.60 -16.19
CA PHE A 42 -23.18 -8.57 -16.13
C PHE A 42 -22.94 -8.00 -17.50
N ARG A 43 -22.55 -8.87 -18.44
CA ARG A 43 -22.31 -8.46 -19.81
C ARG A 43 -23.45 -7.62 -20.37
N ASP A 44 -24.67 -8.10 -20.17
CA ASP A 44 -25.84 -7.39 -20.64
C ASP A 44 -25.74 -5.92 -20.30
N VAL A 45 -25.86 -5.60 -19.01
CA VAL A 45 -25.82 -4.23 -18.54
C VAL A 45 -24.79 -3.34 -19.21
N TYR A 46 -23.55 -3.80 -19.28
CA TYR A 46 -22.51 -2.98 -19.89
C TYR A 46 -22.61 -2.78 -21.40
N ASP A 47 -23.16 -3.75 -22.12
CA ASP A 47 -23.30 -3.64 -23.57
C ASP A 47 -24.27 -2.51 -23.83
N TYR A 48 -25.20 -2.35 -22.90
CA TYR A 48 -26.21 -1.32 -22.98
C TYR A 48 -25.67 -0.04 -22.37
N PHE A 49 -24.64 -0.14 -21.55
CA PHE A 49 -24.06 1.08 -20.98
C PHE A 49 -23.17 1.68 -22.05
N ARG A 50 -22.22 0.89 -22.56
CA ARG A 50 -21.35 1.38 -23.62
C ARG A 50 -22.23 2.17 -24.55
N ALA A 51 -23.30 1.52 -25.02
CA ALA A 51 -24.26 2.14 -25.92
C ALA A 51 -24.59 3.55 -25.48
N VAL A 52 -25.25 3.70 -24.34
CA VAL A 52 -25.62 5.01 -23.82
C VAL A 52 -24.42 5.94 -23.87
N LEU A 53 -23.34 5.49 -23.24
CA LEU A 53 -22.10 6.23 -23.18
C LEU A 53 -21.64 6.62 -24.57
N GLN A 54 -21.48 5.62 -25.43
CA GLN A 54 -20.99 5.85 -26.79
C GLN A 54 -21.78 6.92 -27.52
N ARG A 55 -23.05 7.09 -27.17
CA ARG A 55 -23.79 8.16 -27.81
C ARG A 55 -24.00 9.33 -26.90
N ASP A 56 -23.39 9.28 -25.72
CA ASP A 56 -23.48 10.39 -24.79
C ASP A 56 -24.93 10.75 -24.51
N GLU A 57 -25.77 9.73 -24.35
CA GLU A 57 -27.19 9.93 -24.12
C GLU A 57 -27.51 10.37 -22.71
N ARG A 58 -27.61 11.68 -22.46
CA ARG A 58 -27.94 12.17 -21.12
C ARG A 58 -29.40 11.88 -20.76
N SER A 59 -29.81 10.60 -20.78
CA SER A 59 -31.19 10.21 -20.47
C SER A 59 -31.52 9.68 -19.05
N GLU A 60 -32.71 10.03 -18.58
CA GLU A 60 -33.19 9.61 -17.26
C GLU A 60 -33.28 8.10 -17.12
N ARG A 61 -33.28 7.40 -18.26
CA ARG A 61 -33.35 5.94 -18.23
C ARG A 61 -31.94 5.41 -18.03
N ALA A 62 -30.98 6.07 -18.65
CA ALA A 62 -29.61 5.64 -18.53
C ALA A 62 -29.16 5.96 -17.13
N PHE A 63 -29.58 7.11 -16.60
CA PHE A 63 -29.16 7.46 -15.26
C PHE A 63 -29.26 6.25 -14.34
N LYS A 64 -30.38 5.56 -14.41
CA LYS A 64 -30.57 4.42 -13.56
C LYS A 64 -29.78 3.21 -14.07
N LEU A 65 -29.46 3.20 -15.35
CA LEU A 65 -28.66 2.10 -15.89
C LEU A 65 -27.30 2.13 -15.23
N THR A 66 -26.80 3.34 -15.00
CA THR A 66 -25.50 3.50 -14.38
C THR A 66 -25.50 2.96 -12.98
N ARG A 67 -26.64 2.96 -12.33
CA ARG A 67 -26.67 2.46 -10.97
C ARG A 67 -26.43 0.95 -10.94
N ASP A 68 -26.79 0.26 -12.02
CA ASP A 68 -26.59 -1.19 -12.10
C ASP A 68 -25.17 -1.50 -12.52
N ALA A 69 -24.58 -0.63 -13.31
CA ALA A 69 -23.20 -0.82 -13.77
C ALA A 69 -22.24 -0.61 -12.62
N ILE A 70 -22.61 0.33 -11.76
CA ILE A 70 -21.86 0.67 -10.57
C ILE A 70 -21.88 -0.52 -9.66
N GLU A 71 -23.07 -1.04 -9.40
CA GLU A 71 -23.19 -2.18 -8.52
C GLU A 71 -22.50 -3.44 -8.99
N LEU A 72 -22.40 -3.62 -10.30
CA LEU A 72 -21.73 -4.80 -10.87
C LEU A 72 -20.21 -4.66 -10.84
N ASN A 73 -19.71 -3.44 -10.72
CA ASN A 73 -18.27 -3.17 -10.62
C ASN A 73 -18.04 -1.76 -10.16
N ALA A 74 -18.31 -1.51 -8.88
CA ALA A 74 -18.16 -0.18 -8.32
C ALA A 74 -16.75 0.36 -8.39
N ALA A 75 -15.82 -0.40 -8.92
CA ALA A 75 -14.46 0.09 -9.04
C ALA A 75 -14.31 0.64 -10.44
N ASN A 76 -15.42 0.71 -11.17
CA ASN A 76 -15.38 1.21 -12.54
C ASN A 76 -15.55 2.71 -12.53
N TYR A 77 -14.42 3.39 -12.57
CA TYR A 77 -14.38 4.83 -12.56
C TYR A 77 -15.05 5.50 -13.76
N THR A 78 -15.04 4.84 -14.92
CA THR A 78 -15.66 5.43 -16.09
C THR A 78 -17.15 5.59 -15.89
N VAL A 79 -17.79 4.52 -15.43
CA VAL A 79 -19.22 4.58 -15.17
C VAL A 79 -19.48 5.61 -14.09
N TRP A 80 -18.72 5.61 -13.02
CA TRP A 80 -18.96 6.60 -12.00
C TRP A 80 -18.90 7.99 -12.60
N HIS A 81 -18.10 8.16 -13.64
CA HIS A 81 -18.03 9.48 -14.24
C HIS A 81 -19.36 9.80 -14.89
N PHE A 82 -19.74 8.95 -15.83
CA PHE A 82 -20.99 9.14 -16.56
C PHE A 82 -22.16 9.33 -15.63
N ARG A 83 -22.01 9.06 -14.35
CA ARG A 83 -23.14 9.26 -13.49
C ARG A 83 -23.18 10.69 -13.02
N ARG A 84 -22.02 11.26 -12.73
CA ARG A 84 -22.02 12.62 -12.27
C ARG A 84 -22.47 13.46 -13.44
N VAL A 85 -22.17 13.01 -14.64
CA VAL A 85 -22.60 13.74 -15.81
C VAL A 85 -24.12 13.81 -15.82
N LEU A 86 -24.74 12.65 -15.68
CA LEU A 86 -26.18 12.57 -15.69
C LEU A 86 -26.79 13.25 -14.51
N LEU A 87 -26.10 13.25 -13.39
CA LEU A 87 -26.63 13.92 -12.22
C LEU A 87 -26.79 15.42 -12.45
N ARG A 88 -25.80 16.03 -13.10
CA ARG A 88 -25.83 17.46 -13.35
C ARG A 88 -26.75 17.93 -14.48
N SER A 89 -26.81 17.22 -15.60
CA SER A 89 -27.69 17.62 -16.71
C SER A 89 -29.12 17.27 -16.35
N LEU A 90 -29.33 16.00 -16.01
CA LEU A 90 -30.65 15.56 -15.61
C LEU A 90 -31.06 16.37 -14.41
N GLN A 91 -30.07 16.97 -13.77
CA GLN A 91 -30.35 17.76 -12.59
C GLN A 91 -31.07 16.92 -11.55
N LYS A 92 -30.45 15.82 -11.12
CA LYS A 92 -31.09 14.97 -10.13
C LYS A 92 -30.92 15.54 -8.73
N ASP A 93 -31.93 15.32 -7.91
CA ASP A 93 -31.93 15.79 -6.54
C ASP A 93 -30.76 15.16 -5.78
N LEU A 94 -29.66 15.90 -5.68
CA LEU A 94 -28.46 15.39 -5.01
C LEU A 94 -28.58 14.88 -3.57
N GLN A 95 -29.71 15.12 -2.91
CA GLN A 95 -29.86 14.65 -1.53
C GLN A 95 -30.46 13.28 -1.58
N GLU A 96 -31.11 12.97 -2.70
CA GLU A 96 -31.73 11.69 -2.86
C GLU A 96 -30.57 10.82 -3.30
N GLU A 97 -29.64 11.46 -4.01
CA GLU A 97 -28.44 10.81 -4.51
C GLU A 97 -27.42 10.65 -3.37
N MET A 98 -27.63 11.33 -2.25
CA MET A 98 -26.74 11.18 -1.10
C MET A 98 -27.20 9.94 -0.38
N ASN A 99 -28.50 9.71 -0.38
CA ASN A 99 -29.05 8.54 0.27
C ASN A 99 -28.59 7.33 -0.50
N TYR A 100 -28.45 7.45 -1.81
CA TYR A 100 -27.96 6.34 -2.61
C TYR A 100 -26.55 5.98 -2.17
N ILE A 101 -25.67 6.97 -2.24
CA ILE A 101 -24.28 6.76 -1.88
C ILE A 101 -24.05 6.35 -0.43
N ILE A 102 -24.92 6.74 0.48
CA ILE A 102 -24.76 6.33 1.87
C ILE A 102 -24.87 4.80 1.88
N ALA A 103 -25.81 4.29 1.07
CA ALA A 103 -26.10 2.86 0.95
C ALA A 103 -25.00 1.97 0.38
N ILE A 104 -24.36 2.41 -0.69
CA ILE A 104 -23.30 1.61 -1.31
C ILE A 104 -22.09 1.52 -0.40
N ILE A 105 -21.77 2.61 0.29
CA ILE A 105 -20.62 2.62 1.17
C ILE A 105 -20.82 1.63 2.31
N GLU A 106 -22.03 1.59 2.84
CA GLU A 106 -22.36 0.66 3.92
C GLU A 106 -22.17 -0.75 3.42
N GLU A 107 -22.36 -0.93 2.12
CA GLU A 107 -22.25 -2.23 1.46
C GLU A 107 -20.87 -2.61 0.99
N GLN A 108 -20.03 -1.62 0.71
CA GLN A 108 -18.65 -1.86 0.26
C GLN A 108 -17.77 -0.76 0.85
N PRO A 109 -17.56 -0.78 2.18
CA PRO A 109 -16.77 0.21 2.90
C PRO A 109 -15.32 0.30 2.46
N LYS A 110 -14.92 -0.56 1.54
CA LYS A 110 -13.52 -0.57 1.11
C LYS A 110 -13.25 -0.15 -0.32
N ASN A 111 -14.22 0.48 -0.97
CA ASN A 111 -14.02 0.92 -2.36
C ASN A 111 -13.45 2.34 -2.34
N TYR A 112 -12.50 2.62 -3.22
CA TYR A 112 -11.93 3.95 -3.27
C TYR A 112 -12.76 4.86 -4.15
N GLN A 113 -13.45 4.28 -5.13
CA GLN A 113 -14.30 5.06 -6.02
C GLN A 113 -15.65 5.44 -5.40
N VAL A 114 -16.15 4.69 -4.43
CA VAL A 114 -17.46 5.02 -3.83
C VAL A 114 -17.47 6.14 -2.80
N TRP A 115 -16.29 6.55 -2.33
CA TRP A 115 -16.14 7.62 -1.33
C TRP A 115 -15.83 8.96 -1.97
N HIS A 116 -15.26 8.90 -3.15
CA HIS A 116 -14.90 10.07 -3.92
C HIS A 116 -16.18 10.71 -4.37
N HIS A 117 -17.13 9.87 -4.72
CA HIS A 117 -18.42 10.31 -5.19
C HIS A 117 -19.10 11.08 -4.07
N ARG A 118 -19.04 10.51 -2.87
CA ARG A 118 -19.64 11.13 -1.70
C ARG A 118 -18.90 12.42 -1.35
N ARG A 119 -17.66 12.54 -1.81
CA ARG A 119 -16.86 13.74 -1.55
C ARG A 119 -17.30 14.77 -2.57
N VAL A 120 -17.63 14.31 -3.76
CA VAL A 120 -18.08 15.19 -4.80
C VAL A 120 -19.41 15.79 -4.38
N LEU A 121 -20.35 14.95 -3.97
CA LEU A 121 -21.65 15.44 -3.53
C LEU A 121 -21.49 16.48 -2.42
N VAL A 122 -20.94 16.07 -1.27
CA VAL A 122 -20.76 16.97 -0.15
C VAL A 122 -20.20 18.34 -0.51
N GLU A 123 -19.30 18.41 -1.48
CA GLU A 123 -18.77 19.72 -1.84
C GLU A 123 -19.63 20.33 -2.91
N TRP A 124 -20.50 19.53 -3.49
CA TRP A 124 -21.39 20.00 -4.54
C TRP A 124 -22.51 20.78 -3.88
N LEU A 125 -22.82 20.41 -2.63
CA LEU A 125 -23.90 21.03 -1.86
C LEU A 125 -23.43 21.93 -0.73
N LYS A 126 -22.15 21.85 -0.36
CA LYS A 126 -21.60 22.66 0.74
C LYS A 126 -22.28 22.24 2.03
N ASP A 127 -22.52 20.95 2.21
CA ASP A 127 -23.20 20.48 3.40
C ASP A 127 -22.58 19.28 4.08
N PRO A 128 -21.93 19.49 5.22
CA PRO A 128 -21.28 18.46 6.01
C PRO A 128 -22.16 18.08 7.21
N SER A 129 -23.39 18.61 7.26
CA SER A 129 -24.33 18.36 8.36
C SER A 129 -24.45 16.90 8.81
N GLN A 130 -24.21 15.98 7.88
CA GLN A 130 -24.27 14.56 8.16
C GLN A 130 -22.83 14.11 8.33
N GLU A 131 -22.31 13.43 7.31
CA GLU A 131 -20.93 12.98 7.28
C GLU A 131 -20.37 12.33 8.55
N LEU A 132 -19.93 13.16 9.48
CA LEU A 132 -19.35 12.68 10.74
C LEU A 132 -20.16 11.58 11.43
N GLU A 133 -21.49 11.67 11.38
CA GLU A 133 -22.29 10.61 11.99
C GLU A 133 -22.07 9.41 11.10
N PHE A 134 -22.19 9.62 9.79
CA PHE A 134 -21.99 8.57 8.81
C PHE A 134 -20.64 7.93 9.02
N ILE A 135 -19.58 8.72 8.85
CA ILE A 135 -18.23 8.22 9.03
C ILE A 135 -18.07 7.43 10.34
N ALA A 136 -18.72 7.87 11.41
CA ALA A 136 -18.63 7.16 12.68
C ALA A 136 -19.30 5.81 12.57
N ASP A 137 -20.39 5.74 11.83
CA ASP A 137 -21.09 4.49 11.67
C ASP A 137 -20.24 3.49 10.89
N ILE A 138 -19.57 3.93 9.83
CA ILE A 138 -18.72 3.04 9.05
C ILE A 138 -17.57 2.53 9.91
N LEU A 139 -16.89 3.46 10.59
CA LEU A 139 -15.76 3.12 11.45
C LEU A 139 -16.22 2.36 12.65
N ASN A 140 -17.53 2.21 12.77
CA ASN A 140 -18.03 1.48 13.91
C ASN A 140 -18.12 0.00 13.52
N GLN A 141 -17.88 -0.27 12.25
CA GLN A 141 -17.90 -1.64 11.71
C GLN A 141 -16.47 -2.11 11.48
N ASP A 142 -15.61 -1.15 11.14
CA ASP A 142 -14.17 -1.33 10.93
C ASP A 142 -13.55 0.01 11.30
N ALA A 143 -12.91 0.07 12.45
CA ALA A 143 -12.36 1.34 12.89
C ALA A 143 -11.02 1.72 12.28
N LYS A 144 -10.48 0.88 11.41
CA LYS A 144 -9.21 1.22 10.78
C LYS A 144 -9.41 1.26 9.28
N ASN A 145 -10.58 1.73 8.87
CA ASN A 145 -10.97 1.86 7.47
C ASN A 145 -10.34 3.11 6.91
N TYR A 146 -9.29 2.94 6.12
CA TYR A 146 -8.55 4.06 5.55
C TYR A 146 -9.39 5.15 4.93
N HIS A 147 -10.21 4.80 3.94
CA HIS A 147 -11.02 5.79 3.24
C HIS A 147 -11.89 6.61 4.14
N ALA A 148 -12.55 5.94 5.08
CA ALA A 148 -13.43 6.63 6.02
C ALA A 148 -12.63 7.70 6.72
N TRP A 149 -11.53 7.31 7.36
CA TRP A 149 -10.67 8.27 8.04
C TRP A 149 -10.28 9.40 7.10
N GLN A 150 -9.86 9.07 5.88
CA GLN A 150 -9.45 10.10 4.93
C GLN A 150 -10.58 11.05 4.64
N HIS A 151 -11.75 10.49 4.35
CA HIS A 151 -12.90 11.31 4.06
C HIS A 151 -13.34 12.07 5.28
N ARG A 152 -12.96 11.59 6.46
CA ARG A 152 -13.33 12.25 7.72
C ARG A 152 -12.38 13.41 8.02
N GLN A 153 -11.11 13.29 7.63
CA GLN A 153 -10.18 14.39 7.87
C GLN A 153 -10.53 15.50 6.91
N TRP A 154 -11.01 15.11 5.73
CA TRP A 154 -11.40 16.04 4.69
C TRP A 154 -12.55 16.88 5.22
N VAL A 155 -13.64 16.21 5.58
CA VAL A 155 -14.80 16.93 6.09
C VAL A 155 -14.44 17.83 7.25
N ILE A 156 -13.49 17.42 8.09
CA ILE A 156 -13.11 18.25 9.21
C ILE A 156 -12.28 19.48 8.83
N GLN A 157 -11.23 19.30 8.03
CA GLN A 157 -10.38 20.41 7.58
C GLN A 157 -11.20 21.38 6.74
N GLU A 158 -11.79 20.87 5.67
CA GLU A 158 -12.57 21.68 4.75
C GLU A 158 -13.69 22.48 5.38
N PHE A 159 -14.36 21.93 6.40
CA PHE A 159 -15.44 22.67 7.05
C PHE A 159 -15.14 23.04 8.51
N ARG A 160 -13.86 23.15 8.84
CA ARG A 160 -13.41 23.55 10.17
C ARG A 160 -14.25 22.98 11.31
N LEU A 161 -14.64 21.72 11.17
CA LEU A 161 -15.46 21.03 12.17
C LEU A 161 -14.66 20.29 13.22
N TRP A 162 -13.57 20.88 13.70
CA TRP A 162 -12.75 20.22 14.70
C TRP A 162 -13.54 19.93 15.98
N ASP A 163 -13.69 20.95 16.81
CA ASP A 163 -14.46 20.83 18.04
C ASP A 163 -14.45 19.49 18.74
N ASN A 164 -15.44 18.69 18.41
CA ASN A 164 -15.60 17.40 19.06
C ASN A 164 -14.84 16.22 18.47
N GLU A 165 -13.75 16.49 17.75
CA GLU A 165 -13.00 15.40 17.16
C GLU A 165 -12.02 14.82 18.17
N LEU A 166 -11.27 15.64 18.89
CA LEU A 166 -10.35 15.06 19.86
C LEU A 166 -11.18 14.29 20.86
N GLN A 167 -12.44 14.66 20.95
CA GLN A 167 -13.43 14.06 21.85
C GLN A 167 -13.81 12.64 21.40
N TYR A 168 -14.05 12.52 20.11
CA TYR A 168 -14.38 11.26 19.47
C TYR A 168 -13.15 10.39 19.61
N VAL A 169 -11.99 10.99 19.36
CA VAL A 169 -10.71 10.31 19.45
C VAL A 169 -10.63 9.52 20.74
N ASP A 170 -10.73 10.23 21.86
CA ASP A 170 -10.64 9.63 23.20
C ASP A 170 -11.59 8.46 23.43
N GLN A 171 -12.75 8.57 22.79
CA GLN A 171 -13.80 7.54 22.86
C GLN A 171 -13.25 6.24 22.26
N LEU A 172 -12.90 6.32 20.98
CA LEU A 172 -12.36 5.19 20.25
C LEU A 172 -11.12 4.64 20.94
N LEU A 173 -10.28 5.51 21.49
CA LEU A 173 -9.10 5.01 22.18
C LEU A 173 -9.45 4.12 23.38
N LYS A 174 -10.66 4.27 23.93
CA LYS A 174 -11.07 3.43 25.05
C LYS A 174 -11.49 2.10 24.47
N GLU A 175 -12.34 2.17 23.44
CA GLU A 175 -12.85 0.98 22.77
C GLU A 175 -11.77 0.00 22.31
N ASP A 176 -10.56 0.53 22.13
CA ASP A 176 -9.43 -0.29 21.69
C ASP A 176 -8.27 0.67 21.63
N VAL A 177 -7.48 0.67 22.68
CA VAL A 177 -6.33 1.57 22.75
C VAL A 177 -5.28 1.20 21.70
N ARG A 178 -5.40 -0.01 21.15
CA ARG A 178 -4.46 -0.48 20.15
C ARG A 178 -4.80 0.05 18.75
N ASN A 179 -5.91 0.78 18.61
CA ASN A 179 -6.32 1.30 17.30
C ASN A 179 -5.33 2.34 16.81
N ASN A 180 -4.32 1.92 16.07
CA ASN A 180 -3.30 2.86 15.59
C ASN A 180 -3.79 4.00 14.74
N SER A 181 -4.98 3.85 14.18
CA SER A 181 -5.55 4.89 13.33
C SER A 181 -6.06 6.05 14.15
N VAL A 182 -6.53 5.75 15.36
CA VAL A 182 -7.06 6.77 16.26
C VAL A 182 -5.93 7.55 16.92
N TRP A 183 -4.75 6.96 17.01
CA TRP A 183 -3.62 7.70 17.56
C TRP A 183 -3.13 8.62 16.49
N ASN A 184 -3.55 8.36 15.25
CA ASN A 184 -3.16 9.24 14.17
C ASN A 184 -4.19 10.35 14.19
N GLN A 185 -5.46 9.97 14.03
CA GLN A 185 -6.55 10.94 14.03
C GLN A 185 -6.34 11.92 15.17
N ARG A 186 -5.84 11.43 16.30
CA ARG A 186 -5.59 12.32 17.44
C ARG A 186 -4.52 13.38 17.14
N HIS A 187 -3.42 12.96 16.52
CA HIS A 187 -2.35 13.92 16.21
C HIS A 187 -2.83 14.85 15.11
N PHE A 188 -3.88 14.43 14.40
CA PHE A 188 -4.44 15.24 13.34
C PHE A 188 -5.24 16.38 13.93
N VAL A 189 -6.00 16.08 14.97
CA VAL A 189 -6.82 17.09 15.61
C VAL A 189 -6.01 18.05 16.44
N ILE A 190 -4.93 17.56 17.05
CA ILE A 190 -4.13 18.42 17.90
C ILE A 190 -3.15 19.35 17.15
N SER A 191 -2.28 18.79 16.31
CA SER A 191 -1.34 19.65 15.61
C SER A 191 -2.00 20.71 14.73
N ASN A 192 -3.30 20.61 14.51
CA ASN A 192 -3.99 21.61 13.68
C ASN A 192 -4.88 22.54 14.49
N THR A 193 -5.12 22.20 15.75
CA THR A 193 -5.96 23.02 16.64
C THR A 193 -5.12 23.81 17.66
N THR A 194 -4.08 23.18 18.19
CA THR A 194 -3.25 23.86 19.16
C THR A 194 -1.80 23.50 19.01
N GLY A 195 -1.49 22.67 18.03
CA GLY A 195 -0.10 22.30 17.85
C GLY A 195 0.35 21.68 19.16
N TYR A 196 1.61 21.26 19.19
CA TYR A 196 2.19 20.62 20.35
C TYR A 196 3.31 21.51 20.92
N SER A 197 3.55 22.64 20.27
CA SER A 197 4.58 23.54 20.73
C SER A 197 4.24 24.00 22.14
N ASP A 198 2.94 24.14 22.38
CA ASP A 198 2.36 24.57 23.66
C ASP A 198 2.81 23.66 24.81
N ARG A 199 3.60 24.18 25.74
CA ARG A 199 4.08 23.36 26.83
C ARG A 199 3.04 22.58 27.63
N ALA A 200 1.86 23.14 27.77
CA ALA A 200 0.82 22.47 28.54
C ALA A 200 0.22 21.28 27.77
N VAL A 201 -0.07 21.49 26.48
CA VAL A 201 -0.66 20.44 25.65
C VAL A 201 0.33 19.29 25.46
N LEU A 202 1.56 19.60 25.01
CA LEU A 202 2.56 18.56 24.81
C LEU A 202 2.73 17.80 26.12
N GLU A 203 2.52 18.51 27.23
CA GLU A 203 2.64 17.86 28.54
C GLU A 203 1.43 16.96 28.83
N ARG A 204 0.24 17.45 28.50
CA ARG A 204 -0.99 16.70 28.70
C ARG A 204 -0.93 15.37 27.93
N GLU A 205 -0.49 15.45 26.68
CA GLU A 205 -0.38 14.28 25.81
C GLU A 205 0.62 13.25 26.30
N VAL A 206 1.78 13.72 26.73
CA VAL A 206 2.81 12.82 27.20
C VAL A 206 2.41 12.04 28.44
N GLN A 207 1.65 12.65 29.35
CA GLN A 207 1.22 11.95 30.55
C GLN A 207 0.22 10.87 30.16
N TYR A 208 -0.74 11.24 29.32
CA TYR A 208 -1.76 10.31 28.82
C TYR A 208 -1.05 9.17 28.11
N THR A 209 -0.17 9.54 27.18
CA THR A 209 0.58 8.58 26.42
C THR A 209 1.39 7.67 27.35
N LEU A 210 1.84 8.24 28.46
CA LEU A 210 2.63 7.48 29.42
C LEU A 210 1.77 6.60 30.30
N GLU A 211 0.65 7.14 30.78
CA GLU A 211 -0.24 6.36 31.63
C GLU A 211 -0.99 5.34 30.79
N MET A 212 -0.84 5.46 29.47
CA MET A 212 -1.49 4.55 28.53
C MET A 212 -0.50 3.42 28.27
N ILE A 213 0.78 3.75 28.29
CA ILE A 213 1.81 2.74 28.10
C ILE A 213 1.71 1.78 29.28
N LYS A 214 1.83 2.34 30.49
CA LYS A 214 1.79 1.60 31.74
C LYS A 214 0.61 0.65 31.83
N LEU A 215 -0.50 1.01 31.18
CA LEU A 215 -1.69 0.17 31.18
C LEU A 215 -1.54 -1.05 30.27
N VAL A 216 -1.07 -0.83 29.06
CA VAL A 216 -0.88 -1.89 28.07
C VAL A 216 0.51 -1.68 27.46
N PRO A 217 1.56 -2.07 28.19
CA PRO A 217 2.98 -1.99 27.89
C PRO A 217 3.48 -2.51 26.55
N HIS A 218 2.82 -3.53 25.99
CA HIS A 218 3.24 -4.09 24.71
C HIS A 218 2.44 -3.61 23.49
N ASN A 219 1.68 -2.54 23.68
CA ASN A 219 0.87 -1.89 22.64
C ASN A 219 1.88 -1.00 21.93
N GLU A 220 2.12 -1.21 20.64
CA GLU A 220 3.14 -0.39 20.00
C GLU A 220 2.65 1.00 19.58
N SER A 221 1.36 1.27 19.69
CA SER A 221 0.81 2.59 19.33
C SER A 221 1.22 3.70 20.31
N ALA A 222 0.83 3.54 21.56
CA ALA A 222 1.14 4.51 22.59
C ALA A 222 2.63 4.76 22.71
N TRP A 223 3.42 4.04 21.92
CA TRP A 223 4.86 4.21 21.94
C TRP A 223 5.35 5.05 20.77
N ASN A 224 4.90 4.72 19.55
CA ASN A 224 5.27 5.47 18.36
C ASN A 224 4.79 6.92 18.52
N TYR A 225 3.75 7.10 19.30
CA TYR A 225 3.18 8.41 19.55
C TYR A 225 4.07 9.21 20.51
N LEU A 226 4.44 8.61 21.64
CA LEU A 226 5.30 9.29 22.61
C LEU A 226 6.70 9.42 22.03
N LYS A 227 6.96 8.77 20.90
CA LYS A 227 8.28 8.87 20.35
C LYS A 227 8.30 9.82 19.17
N GLY A 228 7.12 10.09 18.64
CA GLY A 228 7.02 10.96 17.48
C GLY A 228 6.60 12.39 17.71
N ILE A 229 5.99 12.69 18.87
CA ILE A 229 5.58 14.06 19.17
C ILE A 229 6.70 14.74 19.97
N LEU A 230 7.61 13.91 20.49
CA LEU A 230 8.78 14.38 21.24
C LEU A 230 10.04 14.45 20.36
N GLN A 231 10.17 13.52 19.41
CA GLN A 231 11.34 13.52 18.56
C GLN A 231 11.34 14.70 17.62
N ASP A 232 10.36 15.57 17.85
CA ASP A 232 10.19 16.80 17.09
C ASP A 232 11.29 17.80 17.40
N ARG A 233 11.25 18.37 18.61
CA ARG A 233 12.24 19.35 19.04
C ARG A 233 13.54 18.67 19.38
N GLY A 234 13.46 17.37 19.59
CA GLY A 234 14.63 16.60 19.93
C GLY A 234 14.35 15.75 21.15
N LEU A 235 14.45 14.44 20.98
CA LEU A 235 14.21 13.47 22.05
C LEU A 235 15.22 13.74 23.17
N SER A 236 16.37 14.27 22.76
CA SER A 236 17.43 14.58 23.69
C SER A 236 17.05 15.76 24.58
N ARG A 237 16.26 16.69 24.06
CA ARG A 237 15.88 17.87 24.84
C ARG A 237 15.01 17.68 26.11
N TYR A 238 14.57 16.46 26.39
CA TYR A 238 13.73 16.20 27.58
C TYR A 238 14.43 15.21 28.52
N PRO A 239 15.17 15.73 29.48
CA PRO A 239 15.93 14.94 30.45
C PRO A 239 15.09 13.90 31.14
N ASN A 240 14.28 14.37 32.08
CA ASN A 240 13.39 13.55 32.88
C ASN A 240 12.78 12.32 32.19
N LEU A 241 12.77 12.31 30.87
CA LEU A 241 12.18 11.18 30.18
C LEU A 241 13.05 9.95 30.35
N LEU A 242 14.29 10.05 29.88
CA LEU A 242 15.25 8.95 29.96
C LEU A 242 15.34 8.19 31.28
N ASN A 243 14.84 8.79 32.35
CA ASN A 243 14.88 8.14 33.65
C ASN A 243 13.64 7.35 33.91
N GLN A 244 12.51 8.07 33.89
CA GLN A 244 11.20 7.47 34.11
C GLN A 244 11.05 6.16 33.36
N LEU A 245 11.50 6.14 32.11
CA LEU A 245 11.42 4.94 31.30
C LEU A 245 12.25 3.82 31.91
N LEU A 246 13.36 4.21 32.53
CA LEU A 246 14.26 3.26 33.20
C LEU A 246 13.63 2.82 34.52
N ASP A 247 12.53 3.48 34.88
CA ASP A 247 11.78 3.17 36.09
C ASP A 247 10.73 2.12 35.74
N LEU A 248 9.96 2.38 34.68
CA LEU A 248 8.96 1.42 34.22
C LEU A 248 9.65 0.08 33.89
N GLN A 249 10.93 0.19 33.54
CA GLN A 249 11.85 -0.91 33.16
C GLN A 249 11.56 -2.36 33.57
N PRO A 250 11.26 -2.60 34.88
CA PRO A 250 10.97 -3.99 35.30
C PRO A 250 9.58 -4.43 34.84
N SER A 251 8.57 -4.09 35.64
CA SER A 251 7.16 -4.43 35.40
C SER A 251 6.49 -3.80 34.15
N HIS A 252 7.28 -3.23 33.25
CA HIS A 252 6.74 -2.63 32.02
C HIS A 252 7.70 -2.77 30.83
N SER A 253 8.73 -3.58 30.99
CA SER A 253 9.71 -3.75 29.91
C SER A 253 9.08 -4.30 28.63
N SER A 254 9.85 -4.24 27.55
CA SER A 254 9.44 -4.69 26.23
C SER A 254 10.41 -3.99 25.34
N PRO A 255 10.75 -4.60 24.19
CA PRO A 255 11.71 -3.95 23.30
C PRO A 255 11.24 -2.59 22.84
N TYR A 256 10.03 -2.19 23.24
CA TYR A 256 9.43 -0.89 22.89
C TYR A 256 9.92 0.19 23.86
N LEU A 257 10.45 -0.27 24.99
CA LEU A 257 11.01 0.56 26.04
C LEU A 257 12.51 0.57 25.76
N ILE A 258 13.08 -0.61 25.66
CA ILE A 258 14.50 -0.80 25.38
C ILE A 258 14.89 -0.14 24.07
N ALA A 259 13.97 -0.10 23.11
CA ALA A 259 14.26 0.50 21.83
C ALA A 259 14.25 2.00 22.05
N PHE A 260 13.23 2.47 22.73
CA PHE A 260 13.06 3.89 23.03
C PHE A 260 14.34 4.51 23.66
N LEU A 261 14.87 3.84 24.68
CA LEU A 261 16.05 4.31 25.37
C LEU A 261 17.20 4.41 24.38
N VAL A 262 17.28 3.47 23.46
CA VAL A 262 18.35 3.55 22.48
C VAL A 262 18.15 4.84 21.69
N ASP A 263 16.91 5.09 21.28
CA ASP A 263 16.60 6.30 20.52
C ASP A 263 17.01 7.53 21.30
N ILE A 264 16.75 7.52 22.61
CA ILE A 264 17.12 8.65 23.43
C ILE A 264 18.63 8.81 23.45
N TYR A 265 19.37 7.74 23.78
CA TYR A 265 20.83 7.85 23.83
C TYR A 265 21.41 8.44 22.55
N GLU A 266 20.91 7.97 21.42
CA GLU A 266 21.38 8.41 20.13
C GLU A 266 21.29 9.92 19.96
N ASP A 267 20.16 10.51 20.35
CA ASP A 267 19.99 11.94 20.22
C ASP A 267 20.89 12.68 21.23
N MET A 268 20.98 12.16 22.46
CA MET A 268 21.82 12.77 23.50
C MET A 268 23.23 12.99 22.97
N LEU A 269 23.80 11.92 22.44
CA LEU A 269 25.14 11.95 21.87
C LEU A 269 25.15 13.00 20.77
N GLU A 270 24.03 13.10 20.03
CA GLU A 270 23.91 14.07 18.94
C GLU A 270 23.92 15.52 19.43
N ASN A 271 23.54 15.75 20.67
CA ASN A 271 23.52 17.09 21.24
C ASN A 271 24.64 17.21 22.25
N GLN A 272 25.74 16.58 21.87
CA GLN A 272 26.98 16.54 22.62
C GLN A 272 26.83 16.62 24.14
N CYS A 273 26.35 15.51 24.71
CA CYS A 273 26.12 15.37 26.15
C CYS A 273 27.36 14.93 26.94
N ASP A 274 27.17 14.68 28.22
CA ASP A 274 28.25 14.25 29.15
C ASP A 274 28.31 12.72 29.37
N ASN A 275 29.45 12.24 29.86
CA ASN A 275 29.60 10.80 30.06
C ASN A 275 29.54 10.19 28.66
N LYS A 276 29.88 11.02 27.67
CA LYS A 276 29.86 10.62 26.26
C LYS A 276 30.05 9.12 26.05
N GLU A 277 31.28 8.64 26.28
CA GLU A 277 31.61 7.21 26.10
C GLU A 277 30.66 6.32 26.89
N ASP A 278 30.38 6.72 28.14
CA ASP A 278 29.49 5.97 29.02
C ASP A 278 28.11 5.72 28.40
N ILE A 279 27.57 6.76 27.74
CA ILE A 279 26.27 6.64 27.10
C ILE A 279 26.44 5.82 25.83
N LEU A 280 27.53 6.09 25.11
CA LEU A 280 27.80 5.38 23.88
C LEU A 280 27.89 3.89 24.10
N ASN A 281 27.89 3.47 25.36
CA ASN A 281 27.94 2.06 25.67
C ASN A 281 26.55 1.64 26.13
N LYS A 282 25.89 2.53 26.87
CA LYS A 282 24.54 2.22 27.34
C LYS A 282 23.65 1.95 26.14
N ALA A 283 24.11 2.39 24.97
CA ALA A 283 23.40 2.21 23.71
C ALA A 283 23.81 0.89 23.02
N LEU A 284 25.09 0.77 22.71
CA LEU A 284 25.58 -0.43 22.03
C LEU A 284 25.28 -1.69 22.85
N GLU A 285 25.09 -1.50 24.16
CA GLU A 285 24.77 -2.62 25.04
C GLU A 285 23.32 -3.01 24.74
N LEU A 286 22.45 -2.00 24.66
CA LEU A 286 21.02 -2.18 24.37
C LEU A 286 20.75 -2.58 22.94
N CYS A 287 21.67 -2.20 22.04
CA CYS A 287 21.53 -2.57 20.64
C CYS A 287 21.62 -4.09 20.55
N GLU A 288 22.44 -4.69 21.42
CA GLU A 288 22.62 -6.14 21.43
C GLU A 288 21.54 -6.96 22.15
N ILE A 289 21.10 -6.50 23.31
CA ILE A 289 20.04 -7.22 24.03
C ILE A 289 18.86 -7.40 23.08
N LEU A 290 18.72 -6.41 22.19
CA LEU A 290 17.65 -6.35 21.17
C LEU A 290 17.98 -7.18 19.92
N ALA A 291 19.04 -6.79 19.23
CA ALA A 291 19.46 -7.47 18.02
C ALA A 291 19.68 -8.97 18.27
N LYS A 292 20.16 -9.32 19.46
CA LYS A 292 20.42 -10.72 19.76
C LYS A 292 19.41 -11.43 20.64
N GLU A 293 18.45 -10.72 21.21
CA GLU A 293 17.50 -11.40 22.09
C GLU A 293 16.08 -10.87 22.23
N LYS A 294 15.92 -9.61 22.58
CA LYS A 294 14.59 -9.03 22.77
C LYS A 294 13.87 -8.62 21.48
N ASP A 295 14.60 -8.57 20.36
CA ASP A 295 14.00 -8.13 19.12
C ASP A 295 14.87 -8.65 17.99
N THR A 296 14.91 -9.96 17.85
CA THR A 296 15.74 -10.62 16.83
C THR A 296 15.28 -10.42 15.39
N ILE A 297 13.96 -10.44 15.17
CA ILE A 297 13.46 -10.26 13.81
C ILE A 297 14.09 -9.01 13.18
N ARG A 298 14.41 -8.04 14.02
CA ARG A 298 14.98 -6.77 13.57
C ARG A 298 16.50 -6.71 13.74
N LYS A 299 17.13 -7.86 13.93
CA LYS A 299 18.58 -7.91 14.10
C LYS A 299 19.40 -7.15 13.06
N GLU A 300 19.15 -7.40 11.78
CA GLU A 300 19.90 -6.73 10.74
C GLU A 300 19.85 -5.21 10.89
N TYR A 301 18.78 -4.70 11.50
CA TYR A 301 18.61 -3.26 11.72
C TYR A 301 19.29 -2.73 12.99
N TRP A 302 19.10 -3.44 14.11
CA TRP A 302 19.72 -3.06 15.40
C TRP A 302 21.23 -3.17 15.40
N ARG A 303 21.78 -3.69 14.30
CA ARG A 303 23.22 -3.81 14.13
C ARG A 303 23.63 -2.57 13.35
N TYR A 304 22.79 -2.11 12.42
CA TYR A 304 23.11 -0.91 11.65
C TYR A 304 23.17 0.22 12.65
N ILE A 305 22.20 0.24 13.56
CA ILE A 305 22.14 1.24 14.63
C ILE A 305 23.47 1.15 15.36
N GLY A 306 23.82 -0.04 15.84
CA GLY A 306 25.07 -0.23 16.54
C GLY A 306 26.26 0.31 15.76
N ARG A 307 26.49 -0.22 14.57
CA ARG A 307 27.62 0.24 13.76
C ARG A 307 27.53 1.75 13.46
N SER A 308 26.34 2.25 13.14
CA SER A 308 26.14 3.69 12.86
C SER A 308 26.60 4.57 14.02
N LEU A 309 26.24 4.16 15.24
CA LEU A 309 26.62 4.89 16.45
C LEU A 309 28.12 4.89 16.67
N GLN A 310 28.73 3.71 16.60
CA GLN A 310 30.18 3.57 16.84
C GLN A 310 30.95 4.40 15.80
N SER A 311 30.61 4.21 14.53
CA SER A 311 31.29 4.93 13.47
C SER A 311 31.12 6.44 13.59
N LYS A 312 30.12 6.90 14.32
CA LYS A 312 29.89 8.35 14.46
C LYS A 312 29.92 8.96 15.88
N HIS A 313 30.32 8.21 16.90
CA HIS A 313 30.39 8.79 18.30
C HIS A 313 31.47 8.05 19.19
N SER A 314 32.59 7.60 18.56
CA SER A 314 33.67 6.88 19.17
C SER A 314 34.84 6.76 18.25
N ARG A 315 35.91 7.51 18.54
CA ARG A 315 37.04 7.46 17.69
C ARG A 315 38.07 8.36 18.34
N PRO B 1 17.43 -25.12 12.66
CA PRO B 1 16.59 -25.55 11.52
C PRO B 1 16.08 -24.33 10.71
N LEU B 2 14.93 -23.78 11.13
CA LEU B 2 14.34 -22.63 10.47
C LEU B 2 13.88 -21.66 11.54
N TYR B 3 14.19 -20.37 11.36
CA TYR B 3 13.83 -19.31 12.30
C TYR B 3 12.40 -19.43 12.76
N SER B 4 11.48 -19.50 11.82
CA SER B 4 10.08 -19.62 12.18
C SER B 4 9.80 -20.84 13.05
N LEU B 5 10.66 -21.85 13.03
CA LEU B 5 10.43 -23.02 13.86
C LEU B 5 11.37 -23.24 15.07
N ARG B 6 12.40 -22.42 15.24
CA ARG B 6 13.28 -22.59 16.40
C ARG B 6 12.42 -22.48 17.66
N PRO B 7 12.70 -23.29 18.67
CA PRO B 7 11.95 -23.27 19.93
C PRO B 7 11.81 -21.87 20.53
N GLU B 8 12.91 -21.13 20.59
CA GLU B 8 12.89 -19.80 21.17
C GLU B 8 11.83 -18.87 20.54
N HIS B 9 11.43 -19.21 19.31
CA HIS B 9 10.45 -18.43 18.53
C HIS B 9 9.10 -18.46 19.19
N ALA B 10 8.87 -19.46 20.03
CA ALA B 10 7.59 -19.52 20.70
C ALA B 10 7.54 -18.30 21.60
N ARG B 11 8.71 -17.70 21.88
CA ARG B 11 8.75 -16.51 22.73
C ARG B 11 8.41 -15.22 21.99
N GLU B 12 7.97 -15.32 20.75
CA GLU B 12 7.62 -14.14 19.96
C GLU B 12 6.12 -13.99 19.69
N ARG B 13 5.28 -14.56 20.54
CA ARG B 13 3.83 -14.49 20.35
C ARG B 13 3.30 -13.21 20.99
N LEU B 14 2.11 -12.77 20.57
CA LEU B 14 1.52 -11.56 21.13
C LEU B 14 1.30 -11.58 22.64
N GLN B 15 1.56 -10.46 23.33
CA GLN B 15 1.34 -10.37 24.77
C GLN B 15 0.33 -9.25 24.91
N ASP B 16 -0.94 -9.59 25.12
CA ASP B 16 -1.96 -8.56 25.26
C ASP B 16 -1.99 -7.91 26.63
N ASP B 17 -0.96 -8.14 27.43
CA ASP B 17 -0.87 -7.53 28.75
C ASP B 17 -2.16 -7.75 29.53
N SER B 18 -2.81 -8.86 29.24
CA SER B 18 -4.07 -9.26 29.88
C SER B 18 -5.19 -8.25 29.71
N VAL B 19 -5.02 -7.36 28.73
CA VAL B 19 -6.00 -6.31 28.40
C VAL B 19 -6.50 -6.57 27.00
N GLU B 20 -7.58 -7.34 26.85
CA GLU B 20 -8.08 -7.62 25.51
C GLU B 20 -8.83 -6.48 24.82
N THR B 21 -8.47 -6.25 23.56
CA THR B 21 -9.07 -5.24 22.71
C THR B 21 -9.28 -5.94 21.37
N VAL B 22 -10.01 -5.31 20.48
CA VAL B 22 -10.29 -5.94 19.19
C VAL B 22 -9.06 -6.26 18.39
N THR B 23 -8.08 -5.38 18.43
CA THR B 23 -6.85 -5.59 17.68
C THR B 23 -6.12 -6.80 18.22
N SER B 24 -6.04 -6.89 19.55
CA SER B 24 -5.38 -7.99 20.27
C SER B 24 -6.01 -9.35 19.91
N ILE B 25 -7.34 -9.38 19.97
CA ILE B 25 -8.11 -10.58 19.64
C ILE B 25 -7.86 -10.97 18.20
N GLU B 26 -7.85 -10.00 17.29
CA GLU B 26 -7.63 -10.32 15.90
C GLU B 26 -6.22 -10.77 15.61
N GLN B 27 -5.22 -10.17 16.25
CA GLN B 27 -3.84 -10.60 15.99
C GLN B 27 -3.59 -11.94 16.64
N ALA B 28 -4.38 -12.26 17.66
CA ALA B 28 -4.25 -13.53 18.38
C ALA B 28 -4.68 -14.69 17.47
N LYS B 29 -5.78 -14.50 16.76
CA LYS B 29 -6.27 -15.53 15.84
C LYS B 29 -5.21 -15.83 14.80
N VAL B 30 -4.57 -14.78 14.27
CA VAL B 30 -3.54 -14.93 13.25
C VAL B 30 -2.32 -15.70 13.71
N GLU B 31 -1.69 -15.28 14.82
CA GLU B 31 -0.50 -15.97 15.32
C GLU B 31 -0.82 -17.44 15.56
N GLU B 32 -1.96 -17.69 16.20
CA GLU B 32 -2.37 -19.06 16.50
C GLU B 32 -2.50 -19.90 15.22
N LYS B 33 -3.09 -19.34 14.18
CA LYS B 33 -3.23 -20.11 12.95
C LYS B 33 -1.85 -20.35 12.39
N ILE B 34 -1.11 -19.28 12.16
CA ILE B 34 0.23 -19.39 11.59
C ILE B 34 1.09 -20.29 12.46
N GLN B 35 0.61 -20.67 13.64
CA GLN B 35 1.39 -21.55 14.53
C GLN B 35 1.28 -23.00 14.05
N GLU B 36 0.04 -23.39 13.71
CA GLU B 36 -0.24 -24.71 13.20
C GLU B 36 0.60 -24.92 11.93
N VAL B 37 0.65 -23.88 11.09
CA VAL B 37 1.41 -23.93 9.86
C VAL B 37 2.86 -24.31 10.11
N PHE B 38 3.54 -23.53 10.95
CA PHE B 38 4.93 -23.82 11.28
C PHE B 38 5.06 -25.18 11.96
N SER B 39 3.99 -25.55 12.68
CA SER B 39 3.91 -26.81 13.45
C SER B 39 3.62 -28.13 12.74
N SER B 40 3.01 -28.08 11.56
CA SER B 40 2.73 -29.31 10.83
C SER B 40 4.06 -29.80 10.29
N TYR B 41 4.88 -28.82 9.88
CA TYR B 41 6.25 -29.06 9.40
C TYR B 41 7.03 -29.32 10.71
N LYS B 42 6.41 -30.13 11.57
CA LYS B 42 6.97 -30.50 12.87
C LYS B 42 6.41 -31.88 13.21
N PHE B 43 6.53 -32.75 12.22
CA PHE B 43 6.14 -34.14 12.33
C PHE B 43 6.94 -34.88 11.31
N ASN B 44 7.64 -34.09 10.51
CA ASN B 44 8.49 -34.53 9.44
C ASN B 44 9.36 -33.35 9.03
N HIS B 45 10.25 -33.61 8.07
CA HIS B 45 11.21 -32.67 7.50
C HIS B 45 12.35 -33.59 7.09
N LEU B 46 12.08 -34.35 6.01
CA LEU B 46 12.96 -35.39 5.43
C LEU B 46 14.05 -34.98 4.43
N VAL B 47 13.63 -34.32 3.35
CA VAL B 47 14.56 -33.83 2.32
C VAL B 47 14.36 -32.29 2.29
N PRO B 48 14.77 -31.56 1.22
CA PRO B 48 14.49 -30.11 1.32
C PRO B 48 12.94 -29.97 1.28
N ARG B 49 12.35 -29.44 2.36
CA ARG B 49 10.89 -29.32 2.44
C ARG B 49 10.17 -28.00 2.14
N LEU B 50 10.90 -26.88 2.04
CA LEU B 50 10.25 -25.61 1.66
C LEU B 50 10.49 -25.39 0.17
N VAL B 51 9.49 -25.75 -0.62
CA VAL B 51 9.54 -25.65 -2.07
C VAL B 51 8.53 -24.64 -2.64
N LEU B 52 8.97 -23.83 -3.62
CA LEU B 52 8.07 -22.88 -4.28
C LEU B 52 7.52 -23.68 -5.45
N GLN B 53 6.19 -23.80 -5.50
CA GLN B 53 5.45 -24.55 -6.52
C GLN B 53 5.46 -24.03 -7.97
N ARG B 54 6.66 -23.73 -8.48
CA ARG B 54 6.90 -23.25 -9.85
C ARG B 54 5.84 -23.61 -10.88
N GLU B 55 5.59 -24.91 -10.98
CA GLU B 55 4.64 -25.44 -11.95
C GLU B 55 3.18 -25.12 -11.57
N LYS B 56 2.76 -25.45 -10.35
CA LYS B 56 1.39 -25.14 -9.96
C LYS B 56 1.15 -23.65 -10.18
N HIS B 57 2.05 -22.79 -9.72
CA HIS B 57 1.90 -21.34 -9.88
C HIS B 57 1.94 -20.98 -11.36
N PHE B 58 2.60 -21.81 -12.16
CA PHE B 58 2.68 -21.56 -13.58
C PHE B 58 1.38 -21.82 -14.34
N HIS B 59 0.66 -22.92 -14.10
CA HIS B 59 -0.59 -23.12 -14.86
C HIS B 59 -1.42 -21.87 -14.56
N TYR B 60 -1.56 -21.56 -13.27
CA TYR B 60 -2.35 -20.42 -12.81
C TYR B 60 -2.12 -19.21 -13.68
N LEU B 61 -0.87 -18.73 -13.71
CA LEU B 61 -0.53 -17.57 -14.51
C LEU B 61 -0.83 -17.89 -15.95
N LYS B 62 -0.04 -18.80 -16.50
CA LYS B 62 -0.17 -19.24 -17.89
C LYS B 62 -1.61 -19.11 -18.41
N ARG B 63 -2.60 -19.59 -17.66
CA ARG B 63 -4.00 -19.55 -18.07
C ARG B 63 -4.73 -18.22 -17.90
N GLY B 64 -4.73 -17.67 -16.69
CA GLY B 64 -5.41 -16.40 -16.48
C GLY B 64 -4.99 -15.34 -17.48
N LEU B 65 -3.79 -15.48 -18.03
CA LEU B 65 -3.28 -14.51 -19.00
C LEU B 65 -4.06 -14.51 -20.29
N ARG B 66 -4.81 -15.59 -20.53
CA ARG B 66 -5.56 -15.71 -21.75
C ARG B 66 -7.05 -15.64 -21.51
N GLN B 67 -7.46 -15.98 -20.31
CA GLN B 67 -8.87 -15.98 -19.99
C GLN B 67 -9.11 -16.15 -18.51
N LEU B 68 -10.05 -15.36 -17.97
CA LEU B 68 -10.37 -15.43 -16.55
C LEU B 68 -11.81 -15.83 -16.35
N THR B 69 -12.07 -16.51 -15.24
CA THR B 69 -13.41 -16.97 -14.91
C THR B 69 -14.31 -15.75 -14.76
N ASP B 70 -15.59 -15.95 -14.43
CA ASP B 70 -16.49 -14.82 -14.28
C ASP B 70 -16.26 -14.21 -12.90
N ALA B 71 -15.37 -14.81 -12.13
CA ALA B 71 -15.01 -14.31 -10.81
C ALA B 71 -14.41 -12.93 -10.93
N TYR B 72 -13.22 -12.87 -11.54
CA TYR B 72 -12.49 -11.62 -11.78
C TYR B 72 -13.30 -10.76 -12.72
N GLU B 73 -14.50 -10.36 -12.28
CA GLU B 73 -15.40 -9.57 -13.09
C GLU B 73 -15.40 -8.16 -12.55
N CYS B 74 -14.93 -8.03 -11.32
CA CYS B 74 -14.84 -6.74 -10.64
C CYS B 74 -13.51 -6.14 -11.00
N LEU B 75 -12.70 -6.92 -11.70
CA LEU B 75 -11.42 -6.43 -12.16
C LEU B 75 -11.70 -6.00 -13.58
N ASP B 76 -12.98 -6.01 -13.91
CA ASP B 76 -13.45 -5.63 -15.23
C ASP B 76 -12.91 -4.31 -15.70
N ALA B 77 -12.71 -3.39 -14.77
CA ALA B 77 -12.22 -2.09 -15.12
C ALA B 77 -10.84 -1.90 -14.57
N SER B 78 -9.99 -2.90 -14.71
CA SER B 78 -8.64 -2.80 -14.17
C SER B 78 -7.80 -3.87 -14.80
N ARG B 79 -8.14 -4.25 -16.02
CA ARG B 79 -7.42 -5.32 -16.70
C ARG B 79 -5.94 -5.13 -16.98
N PRO B 80 -5.50 -3.92 -17.32
CA PRO B 80 -4.07 -3.81 -17.57
C PRO B 80 -3.28 -4.46 -16.42
N TRP B 81 -3.71 -4.23 -15.18
CA TRP B 81 -3.06 -4.84 -14.00
C TRP B 81 -2.97 -6.33 -14.25
N LEU B 82 -4.09 -6.92 -14.64
CA LEU B 82 -4.11 -8.34 -14.90
C LEU B 82 -3.00 -8.72 -15.87
N CYS B 83 -2.64 -7.79 -16.75
CA CYS B 83 -1.57 -8.04 -17.71
C CYS B 83 -0.22 -7.90 -17.05
N TYR B 84 -0.11 -6.94 -16.13
CA TYR B 84 1.15 -6.67 -15.46
C TYR B 84 1.48 -7.75 -14.45
N TRP B 85 0.58 -7.97 -13.50
CA TRP B 85 0.79 -8.97 -12.46
C TRP B 85 1.20 -10.30 -13.01
N ILE B 86 0.55 -10.67 -14.09
CA ILE B 86 0.82 -11.95 -14.68
C ILE B 86 2.14 -11.98 -15.42
N LEU B 87 2.41 -10.99 -16.26
CA LEU B 87 3.68 -10.98 -16.98
C LEU B 87 4.87 -10.79 -16.07
N HIS B 88 4.67 -10.09 -14.96
CA HIS B 88 5.75 -9.88 -14.01
C HIS B 88 5.91 -11.13 -13.15
N SER B 89 4.80 -11.84 -12.86
CA SER B 89 4.90 -13.05 -12.06
C SER B 89 5.54 -14.17 -12.88
N LEU B 90 5.26 -14.19 -14.18
CA LEU B 90 5.81 -15.21 -15.10
C LEU B 90 7.29 -14.93 -15.21
N GLU B 91 7.60 -13.63 -15.29
CA GLU B 91 8.96 -13.11 -15.39
C GLU B 91 9.78 -13.59 -14.19
N LEU B 92 9.36 -13.21 -12.99
CA LEU B 92 10.04 -13.65 -11.79
C LEU B 92 10.20 -15.17 -11.85
N LEU B 93 9.08 -15.90 -11.90
CA LEU B 93 9.13 -17.37 -11.94
C LEU B 93 9.99 -17.92 -13.08
N ASP B 94 10.36 -17.06 -14.02
CA ASP B 94 11.21 -17.39 -15.17
C ASP B 94 10.59 -18.25 -16.29
N GLU B 95 9.47 -17.77 -16.83
CA GLU B 95 8.77 -18.44 -17.92
C GLU B 95 8.76 -17.48 -19.10
N PRO B 96 9.25 -17.92 -20.26
CA PRO B 96 9.24 -16.98 -21.39
C PRO B 96 7.82 -16.73 -21.83
N ILE B 97 7.58 -15.59 -22.47
CA ILE B 97 6.26 -15.26 -22.97
C ILE B 97 6.32 -15.57 -24.46
N PRO B 98 5.47 -16.50 -24.94
CA PRO B 98 5.47 -16.85 -26.35
C PRO B 98 5.40 -15.58 -27.18
N GLN B 99 6.36 -15.42 -28.08
CA GLN B 99 6.40 -14.23 -28.89
C GLN B 99 5.05 -13.91 -29.49
N ILE B 100 4.16 -14.88 -29.50
CA ILE B 100 2.81 -14.70 -30.03
C ILE B 100 2.00 -13.96 -28.99
N VAL B 101 2.01 -14.50 -27.76
CA VAL B 101 1.30 -13.92 -26.60
C VAL B 101 1.61 -12.45 -26.43
N ALA B 102 2.88 -12.11 -26.64
CA ALA B 102 3.31 -10.73 -26.53
C ALA B 102 2.52 -9.83 -27.48
N THR B 103 2.53 -10.15 -28.78
CA THR B 103 1.81 -9.32 -29.75
C THR B 103 0.36 -9.21 -29.36
N ASP B 104 -0.21 -10.34 -28.97
CA ASP B 104 -1.61 -10.37 -28.56
C ASP B 104 -1.78 -9.33 -27.45
N VAL B 105 -0.84 -9.34 -26.50
CA VAL B 105 -0.86 -8.40 -25.37
C VAL B 105 -0.61 -6.96 -25.81
N CYS B 106 0.34 -6.78 -26.72
CA CYS B 106 0.61 -5.45 -27.20
C CYS B 106 -0.68 -4.96 -27.87
N GLN B 107 -1.38 -5.87 -28.54
CA GLN B 107 -2.60 -5.48 -29.21
C GLN B 107 -3.70 -5.07 -28.23
N PHE B 108 -3.75 -5.70 -27.05
CA PHE B 108 -4.79 -5.34 -26.11
C PHE B 108 -4.60 -3.95 -25.52
N LEU B 109 -3.45 -3.73 -24.89
CA LEU B 109 -3.13 -2.46 -24.26
C LEU B 109 -3.36 -1.33 -25.27
N GLU B 110 -3.13 -1.65 -26.54
CA GLU B 110 -3.30 -0.74 -27.65
C GLU B 110 -4.72 -0.15 -27.70
N LEU B 111 -5.69 -1.02 -27.43
CA LEU B 111 -7.11 -0.71 -27.46
C LEU B 111 -7.55 0.10 -26.23
N CYS B 112 -6.81 -0.05 -25.13
CA CYS B 112 -7.13 0.69 -23.93
C CYS B 112 -6.65 2.14 -24.07
N GLN B 113 -5.42 2.28 -24.56
CA GLN B 113 -4.81 3.60 -24.74
C GLN B 113 -5.72 4.66 -25.29
N SER B 114 -5.89 5.72 -24.51
CA SER B 114 -6.73 6.85 -24.85
C SER B 114 -6.14 7.75 -25.91
N PRO B 115 -7.00 8.24 -26.81
CA PRO B 115 -6.65 9.11 -27.93
C PRO B 115 -6.14 10.44 -27.41
N ASP B 116 -5.92 10.50 -26.12
CA ASP B 116 -5.43 11.73 -25.51
C ASP B 116 -4.39 11.39 -24.49
N GLY B 117 -3.91 10.16 -24.53
CA GLY B 117 -2.88 9.71 -23.60
C GLY B 117 -3.37 8.88 -22.41
N GLY B 118 -2.46 8.10 -21.85
CA GLY B 118 -2.78 7.26 -20.71
C GLY B 118 -3.59 6.06 -21.12
N PHE B 119 -3.72 5.09 -20.22
CA PHE B 119 -4.48 3.88 -20.52
C PHE B 119 -5.73 3.70 -19.62
N GLY B 120 -6.75 3.03 -20.15
CA GLY B 120 -7.96 2.81 -19.40
C GLY B 120 -8.00 1.43 -18.78
N GLY B 121 -9.03 1.17 -17.98
CA GLY B 121 -9.14 -0.13 -17.34
C GLY B 121 -9.25 -1.28 -18.32
N GLY B 122 -9.74 -0.98 -19.51
CA GLY B 122 -9.89 -2.00 -20.54
C GLY B 122 -10.23 -1.29 -21.84
N PRO B 123 -10.59 -1.98 -22.93
CA PRO B 123 -10.90 -1.30 -24.19
C PRO B 123 -12.07 -0.33 -24.03
N GLY B 124 -11.90 0.92 -24.45
CA GLY B 124 -13.00 1.86 -24.36
C GLY B 124 -13.35 2.45 -23.00
N GLN B 125 -12.35 2.71 -22.17
CA GLN B 125 -12.56 3.30 -20.86
C GLN B 125 -11.68 4.54 -20.71
N TYR B 126 -12.13 5.52 -19.95
CA TYR B 126 -11.35 6.72 -19.77
C TYR B 126 -9.97 6.43 -19.18
N PRO B 127 -8.98 7.21 -19.56
CA PRO B 127 -7.60 7.08 -19.07
C PRO B 127 -7.50 7.39 -17.58
N HIS B 128 -6.67 6.62 -16.89
CA HIS B 128 -6.47 6.72 -15.44
C HIS B 128 -5.01 6.34 -15.24
N LEU B 129 -4.37 6.79 -14.17
CA LEU B 129 -2.96 6.46 -13.96
C LEU B 129 -2.60 5.08 -13.38
N ALA B 130 -3.57 4.39 -12.79
CA ALA B 130 -3.28 3.08 -12.23
C ALA B 130 -3.03 2.15 -13.40
N PRO B 131 -4.00 2.01 -14.33
CA PRO B 131 -3.82 1.14 -15.50
C PRO B 131 -2.71 1.64 -16.41
N THR B 132 -2.35 2.92 -16.31
CA THR B 132 -1.31 3.48 -17.15
C THR B 132 0.09 3.08 -16.69
N TYR B 133 0.26 2.95 -15.38
CA TYR B 133 1.53 2.51 -14.83
C TYR B 133 1.62 1.02 -15.11
N ALA B 134 0.46 0.37 -15.15
CA ALA B 134 0.39 -1.06 -15.40
C ALA B 134 0.72 -1.38 -16.84
N ALA B 135 0.09 -0.67 -17.76
CA ALA B 135 0.33 -0.86 -19.17
C ALA B 135 1.82 -0.69 -19.44
N VAL B 136 2.33 0.53 -19.28
CA VAL B 136 3.75 0.80 -19.49
C VAL B 136 4.64 -0.21 -18.79
N ASN B 137 4.29 -0.60 -17.58
CA ASN B 137 5.10 -1.59 -16.90
C ASN B 137 5.01 -2.90 -17.66
N ALA B 138 3.80 -3.35 -17.96
CA ALA B 138 3.60 -4.60 -18.68
C ALA B 138 4.24 -4.60 -20.05
N LEU B 139 4.20 -3.46 -20.73
CA LEU B 139 4.81 -3.35 -22.06
C LEU B 139 6.34 -3.36 -21.97
N CYS B 140 6.90 -2.84 -20.88
CA CYS B 140 8.34 -2.84 -20.70
C CYS B 140 8.85 -4.20 -20.27
N ILE B 141 7.95 -5.03 -19.74
CA ILE B 141 8.31 -6.39 -19.33
C ILE B 141 8.53 -7.13 -20.64
N ILE B 142 7.59 -6.94 -21.57
CA ILE B 142 7.65 -7.55 -22.90
C ILE B 142 8.88 -7.10 -23.71
N GLY B 143 9.34 -5.89 -23.46
CA GLY B 143 10.52 -5.35 -24.13
C GLY B 143 10.83 -5.62 -25.60
N THR B 144 9.82 -5.66 -26.47
CA THR B 144 10.04 -5.86 -27.91
C THR B 144 9.76 -4.48 -28.44
N GLU B 145 10.32 -4.11 -29.59
CA GLU B 145 10.04 -2.79 -30.09
C GLU B 145 8.58 -2.67 -30.41
N GLU B 146 7.90 -3.81 -30.49
CA GLU B 146 6.48 -3.81 -30.75
C GLU B 146 5.79 -3.28 -29.51
N ALA B 147 6.23 -3.75 -28.35
CA ALA B 147 5.68 -3.32 -27.09
C ALA B 147 5.95 -1.84 -26.90
N TYR B 148 7.22 -1.45 -27.01
CA TYR B 148 7.63 -0.05 -26.80
C TYR B 148 6.91 0.98 -27.65
N ASN B 149 6.63 0.64 -28.91
CA ASN B 149 5.98 1.57 -29.83
C ASN B 149 4.50 1.69 -29.62
N VAL B 150 3.96 0.88 -28.72
CA VAL B 150 2.54 0.95 -28.43
C VAL B 150 2.24 2.26 -27.72
N ILE B 151 3.17 2.67 -26.87
CA ILE B 151 2.99 3.87 -26.08
C ILE B 151 3.18 5.14 -26.90
N ASN B 152 2.14 5.96 -26.89
CA ASN B 152 2.10 7.24 -27.60
C ASN B 152 2.66 8.28 -26.61
N ARG B 153 3.98 8.35 -26.55
CA ARG B 153 4.70 9.25 -25.65
C ARG B 153 4.20 10.70 -25.61
N GLU B 154 3.81 11.27 -26.75
CA GLU B 154 3.30 12.65 -26.76
C GLU B 154 2.04 12.72 -25.93
N LYS B 155 1.00 12.02 -26.40
CA LYS B 155 -0.27 12.04 -25.68
C LYS B 155 -0.08 11.52 -24.27
N LEU B 156 0.96 10.74 -24.02
CA LEU B 156 1.17 10.27 -22.65
C LEU B 156 1.48 11.50 -21.80
N LEU B 157 2.44 12.30 -22.29
CA LEU B 157 2.87 13.50 -21.59
C LEU B 157 1.83 14.62 -21.50
N GLN B 158 0.96 14.74 -22.49
CA GLN B 158 -0.05 15.78 -22.41
C GLN B 158 -0.97 15.38 -21.26
N TYR B 159 -1.43 14.14 -21.30
CA TYR B 159 -2.31 13.61 -20.29
C TYR B 159 -1.76 13.86 -18.89
N LEU B 160 -0.53 13.41 -18.61
CA LEU B 160 0.06 13.62 -17.29
C LEU B 160 -0.10 15.08 -16.88
N TYR B 161 0.15 15.98 -17.82
CA TYR B 161 0.03 17.42 -17.57
C TYR B 161 -1.38 17.83 -17.24
N SER B 162 -2.37 17.06 -17.70
CA SER B 162 -3.75 17.43 -17.43
C SER B 162 -4.17 16.99 -16.04
N LEU B 163 -3.32 16.22 -15.38
CA LEU B 163 -3.64 15.77 -14.02
C LEU B 163 -2.88 16.57 -12.97
N LYS B 164 -1.93 17.39 -13.45
CA LYS B 164 -1.08 18.18 -12.57
C LYS B 164 -1.80 19.24 -11.78
N GLN B 165 -1.37 19.42 -10.54
CA GLN B 165 -1.96 20.41 -9.65
C GLN B 165 -0.94 21.46 -9.25
N PRO B 166 -1.41 22.67 -8.89
CA PRO B 166 -0.51 23.75 -8.49
C PRO B 166 0.46 23.38 -7.38
N ASP B 167 -0.01 22.60 -6.43
CA ASP B 167 0.80 22.20 -5.28
C ASP B 167 1.69 21.03 -5.58
N GLY B 168 1.88 20.72 -6.86
CA GLY B 168 2.74 19.62 -7.22
C GLY B 168 2.24 18.21 -6.99
N SER B 169 0.93 18.00 -7.06
CA SER B 169 0.33 16.68 -6.89
C SER B 169 -0.39 16.31 -8.18
N PHE B 170 -0.55 15.01 -8.43
CA PHE B 170 -1.21 14.52 -9.62
C PHE B 170 -2.56 13.88 -9.33
N LEU B 171 -3.57 14.19 -10.11
CA LEU B 171 -4.86 13.55 -9.91
C LEU B 171 -4.73 12.10 -10.35
N MET B 172 -5.43 11.20 -9.67
CA MET B 172 -5.41 9.79 -9.98
C MET B 172 -5.94 9.62 -11.41
N HIS B 173 -6.99 10.35 -11.72
CA HIS B 173 -7.62 10.36 -13.03
C HIS B 173 -8.35 11.69 -13.20
N VAL B 174 -8.84 11.98 -14.40
CA VAL B 174 -9.54 13.25 -14.66
C VAL B 174 -10.81 13.34 -13.81
N GLY B 175 -10.84 14.33 -12.91
CA GLY B 175 -11.97 14.51 -12.03
C GLY B 175 -11.77 13.81 -10.70
N GLY B 176 -10.96 12.75 -10.72
CA GLY B 176 -10.66 11.99 -9.52
C GLY B 176 -9.92 12.76 -8.45
N GLU B 177 -9.36 12.06 -7.48
CA GLU B 177 -8.63 12.72 -6.40
C GLU B 177 -7.15 12.40 -6.45
N VAL B 178 -6.40 12.98 -5.51
CA VAL B 178 -4.95 12.78 -5.45
C VAL B 178 -4.36 12.22 -4.17
N ASP B 179 -3.57 11.17 -4.31
CA ASP B 179 -2.88 10.55 -3.18
C ASP B 179 -1.46 10.33 -3.68
N VAL B 180 -0.54 10.06 -2.78
CA VAL B 180 0.85 9.87 -3.17
C VAL B 180 0.98 8.98 -4.43
N ARG B 181 0.34 7.81 -4.40
CA ARG B 181 0.36 6.84 -5.49
C ARG B 181 0.30 7.45 -6.89
N SER B 182 -0.60 8.41 -7.10
CA SER B 182 -0.72 9.05 -8.41
C SER B 182 0.58 9.68 -8.88
N ALA B 183 1.40 10.11 -7.92
CA ALA B 183 2.68 10.73 -8.24
C ALA B 183 3.60 9.61 -8.69
N TYR B 184 3.72 8.57 -7.88
CA TYR B 184 4.56 7.44 -8.27
C TYR B 184 4.16 6.92 -9.61
N CYS B 185 2.87 7.02 -9.93
CA CYS B 185 2.44 6.56 -11.22
C CYS B 185 2.98 7.49 -12.30
N ALA B 186 2.64 8.76 -12.27
CA ALA B 186 3.13 9.67 -13.29
C ALA B 186 4.65 9.62 -13.53
N ALA B 187 5.44 9.56 -12.46
CA ALA B 187 6.91 9.51 -12.58
C ALA B 187 7.38 8.18 -13.17
N SER B 188 7.02 7.07 -12.53
CA SER B 188 7.39 5.76 -13.04
C SER B 188 7.12 5.68 -14.54
N VAL B 189 5.96 6.16 -14.97
CA VAL B 189 5.58 6.14 -16.38
C VAL B 189 6.36 7.14 -17.22
N ALA B 190 6.35 8.39 -16.79
CA ALA B 190 7.08 9.43 -17.51
C ALA B 190 8.59 9.22 -17.44
N SER B 191 9.03 8.32 -16.57
CA SER B 191 10.45 8.04 -16.47
C SER B 191 10.85 7.12 -17.64
N LEU B 192 10.47 5.84 -17.56
CA LEU B 192 10.78 4.86 -18.59
C LEU B 192 10.63 5.33 -20.04
N THR B 193 9.60 6.13 -20.32
CA THR B 193 9.39 6.62 -21.67
C THR B 193 10.31 7.79 -21.98
N ASN B 194 10.91 8.35 -20.94
CA ASN B 194 11.78 9.50 -21.13
C ASN B 194 10.93 10.64 -21.65
N ILE B 195 9.96 11.08 -20.86
CA ILE B 195 9.11 12.18 -21.27
C ILE B 195 8.94 13.20 -20.16
N ILE B 196 10.04 13.42 -19.41
CA ILE B 196 10.03 14.36 -18.31
C ILE B 196 10.46 15.78 -18.72
N THR B 197 9.52 16.68 -18.89
CA THR B 197 9.84 18.07 -19.21
C THR B 197 10.48 18.59 -17.94
N PRO B 198 11.16 19.74 -18.00
CA PRO B 198 11.81 20.32 -16.81
C PRO B 198 10.88 20.81 -15.69
N ASP B 199 9.61 21.04 -16.01
CA ASP B 199 8.66 21.52 -15.00
C ASP B 199 7.49 20.55 -14.72
N LEU B 200 7.61 19.33 -15.23
CA LEU B 200 6.58 18.33 -15.05
C LEU B 200 6.38 17.99 -13.57
N PHE B 201 7.46 17.69 -12.84
CA PHE B 201 7.28 17.31 -11.43
C PHE B 201 7.49 18.37 -10.38
N GLU B 202 7.46 19.62 -10.81
CA GLU B 202 7.68 20.72 -9.89
C GLU B 202 6.76 20.73 -8.70
N GLY B 203 7.34 20.76 -7.50
CA GLY B 203 6.54 20.79 -6.31
C GLY B 203 6.07 19.41 -5.87
N THR B 204 6.32 18.40 -6.69
CA THR B 204 5.92 17.04 -6.34
C THR B 204 6.88 16.47 -5.32
N ALA B 205 8.18 16.69 -5.51
CA ALA B 205 9.13 16.18 -4.54
C ALA B 205 8.60 16.68 -3.20
N GLU B 206 8.22 17.94 -3.17
CA GLU B 206 7.68 18.61 -1.99
C GLU B 206 6.36 18.02 -1.48
N TRP B 207 5.36 17.90 -2.35
CA TRP B 207 4.06 17.37 -1.93
C TRP B 207 4.15 15.94 -1.38
N ILE B 208 5.03 15.12 -1.96
CA ILE B 208 5.22 13.74 -1.52
C ILE B 208 5.74 13.73 -0.09
N ALA B 209 6.80 14.48 0.13
CA ALA B 209 7.41 14.57 1.44
C ALA B 209 6.40 15.02 2.49
N ARG B 210 5.45 15.84 2.10
CA ARG B 210 4.44 16.33 3.02
C ARG B 210 3.52 15.25 3.53
N CYS B 211 3.69 14.04 3.00
CA CYS B 211 2.83 12.94 3.43
C CYS B 211 3.43 12.07 4.51
N GLN B 212 4.66 12.38 4.93
CA GLN B 212 5.32 11.61 5.97
C GLN B 212 4.89 12.20 7.30
N ASN B 213 4.39 11.34 8.19
CA ASN B 213 3.91 11.80 9.50
C ASN B 213 4.71 11.31 10.71
N TRP B 214 4.10 11.51 11.87
CA TRP B 214 4.73 11.16 13.12
C TRP B 214 5.23 9.75 13.30
N GLU B 215 4.80 8.83 12.44
CA GLU B 215 5.23 7.44 12.55
C GLU B 215 6.58 7.24 11.84
N GLY B 216 6.82 8.09 10.85
CA GLY B 216 8.04 7.99 10.09
C GLY B 216 7.66 7.51 8.70
N GLY B 217 6.51 6.86 8.60
CA GLY B 217 6.07 6.36 7.31
C GLY B 217 5.48 7.44 6.43
N ILE B 218 4.65 7.06 5.47
CA ILE B 218 4.01 8.00 4.57
C ILE B 218 2.56 7.55 4.44
N GLY B 219 1.63 8.49 4.31
CA GLY B 219 0.22 8.15 4.17
C GLY B 219 -0.28 8.57 2.80
N GLY B 220 -1.53 8.28 2.47
CA GLY B 220 -2.02 8.65 1.15
C GLY B 220 -2.01 10.13 0.78
N VAL B 221 -2.51 10.95 1.70
CA VAL B 221 -2.59 12.41 1.55
C VAL B 221 -2.23 12.93 2.92
N PRO B 222 -1.59 14.09 3.00
CA PRO B 222 -1.19 14.65 4.30
C PRO B 222 -2.16 14.49 5.46
N GLY B 223 -1.66 13.91 6.54
CA GLY B 223 -2.48 13.73 7.72
C GLY B 223 -3.03 12.33 7.89
N MET B 224 -2.70 11.44 6.97
CA MET B 224 -3.17 10.07 7.04
C MET B 224 -2.22 9.14 7.75
N GLU B 225 -2.77 8.09 8.33
CA GLU B 225 -1.97 7.09 9.03
C GLU B 225 -0.93 6.56 8.05
N ALA B 226 0.22 6.15 8.57
CA ALA B 226 1.29 5.62 7.73
C ALA B 226 0.85 4.34 7.10
N HIS B 227 1.16 4.15 5.81
CA HIS B 227 0.76 2.94 5.11
C HIS B 227 1.81 2.47 4.12
N GLY B 228 2.01 1.14 4.08
CA GLY B 228 3.00 0.54 3.20
C GLY B 228 2.80 0.65 1.70
N GLY B 229 1.56 0.59 1.26
CA GLY B 229 1.32 0.71 -0.17
C GLY B 229 1.82 2.08 -0.57
N TYR B 230 1.40 3.10 0.17
CA TYR B 230 1.78 4.49 -0.10
C TYR B 230 3.24 4.80 0.23
N THR B 231 3.74 4.30 1.36
CA THR B 231 5.13 4.53 1.75
C THR B 231 6.09 4.10 0.66
N PHE B 232 5.75 3.03 -0.07
CA PHE B 232 6.59 2.57 -1.17
C PHE B 232 6.51 3.61 -2.26
N CYS B 233 5.29 3.89 -2.68
CA CYS B 233 5.05 4.86 -3.72
C CYS B 233 5.67 6.20 -3.45
N GLY B 234 5.74 6.58 -2.19
CA GLY B 234 6.33 7.87 -1.88
C GLY B 234 7.81 7.91 -2.19
N LEU B 235 8.54 7.00 -1.56
CA LEU B 235 9.97 6.88 -1.70
C LEU B 235 10.39 6.60 -3.14
N ALA B 236 9.88 5.51 -3.71
CA ALA B 236 10.22 5.14 -5.07
C ALA B 236 9.94 6.27 -6.03
N ALA B 237 8.91 7.04 -5.76
CA ALA B 237 8.58 8.16 -6.61
C ALA B 237 9.65 9.19 -6.38
N LEU B 238 10.01 9.43 -5.12
CA LEU B 238 11.07 10.40 -4.83
C LEU B 238 12.42 9.91 -5.36
N VAL B 239 12.73 8.62 -5.21
CA VAL B 239 14.00 8.08 -5.70
C VAL B 239 14.19 8.37 -7.18
N ILE B 240 13.09 8.33 -7.92
CA ILE B 240 13.12 8.62 -9.35
C ILE B 240 13.41 10.12 -9.45
N LEU B 241 12.63 10.93 -8.71
CA LEU B 241 12.81 12.37 -8.73
C LEU B 241 14.13 12.80 -8.06
N LYS B 242 14.87 11.83 -7.55
CA LYS B 242 16.14 12.11 -6.88
C LYS B 242 15.94 13.18 -5.80
N LYS B 243 15.24 12.79 -4.73
CA LYS B 243 14.93 13.65 -3.59
C LYS B 243 14.70 12.76 -2.36
N GLU B 244 15.17 11.52 -2.39
CA GLU B 244 14.99 10.60 -1.27
C GLU B 244 15.26 11.32 0.03
N ARG B 245 16.24 12.20 -0.03
CA ARG B 245 16.65 12.95 1.15
C ARG B 245 15.60 13.95 1.58
N SER B 246 14.71 14.34 0.69
CA SER B 246 13.67 15.28 1.07
C SER B 246 12.90 14.70 2.26
N LEU B 247 13.10 13.43 2.53
CA LEU B 247 12.42 12.75 3.63
C LEU B 247 13.27 12.59 4.86
N ASN B 248 12.61 12.38 5.99
CA ASN B 248 13.30 12.13 7.24
C ASN B 248 13.57 10.66 7.08
N LEU B 249 14.52 10.32 6.23
CA LEU B 249 14.82 8.93 5.96
C LEU B 249 15.07 8.07 7.19
N LYS B 250 15.46 8.67 8.32
CA LYS B 250 15.73 7.85 9.49
C LYS B 250 14.45 7.39 10.16
N SER B 251 13.48 8.27 10.32
CA SER B 251 12.25 7.83 10.98
C SER B 251 11.48 6.90 10.05
N LEU B 252 11.82 6.91 8.76
CA LEU B 252 11.15 6.04 7.79
C LEU B 252 11.67 4.63 8.02
N LEU B 253 12.98 4.46 7.89
CA LEU B 253 13.64 3.17 8.11
C LEU B 253 13.17 2.52 9.40
N GLN B 254 13.07 3.34 10.44
CA GLN B 254 12.65 2.91 11.77
C GLN B 254 11.21 2.41 11.71
N TRP B 255 10.37 3.06 10.90
CA TRP B 255 8.96 2.66 10.76
C TRP B 255 8.85 1.34 9.97
N VAL B 256 9.42 1.30 8.75
CA VAL B 256 9.39 0.09 7.90
C VAL B 256 9.79 -1.15 8.70
N THR B 257 11.08 -1.17 9.06
CA THR B 257 11.68 -2.26 9.81
C THR B 257 10.83 -2.76 10.98
N SER B 258 10.19 -1.84 11.70
CA SER B 258 9.36 -2.21 12.85
C SER B 258 8.07 -2.91 12.42
N ARG B 259 7.70 -2.74 11.15
CA ARG B 259 6.47 -3.34 10.60
C ARG B 259 6.52 -4.84 10.33
N GLN B 260 7.71 -5.39 10.21
CA GLN B 260 7.83 -6.81 9.99
C GLN B 260 7.36 -7.46 11.29
N MET B 261 6.63 -8.57 11.19
CA MET B 261 6.10 -9.26 12.36
C MET B 261 7.06 -10.25 13.04
N ARG B 262 7.46 -9.96 14.27
CA ARG B 262 8.38 -10.83 15.01
C ARG B 262 8.02 -12.32 15.05
N PHE B 263 6.73 -12.63 14.96
CA PHE B 263 6.32 -14.00 15.00
C PHE B 263 6.03 -14.50 13.60
N GLU B 264 5.14 -13.81 12.92
CA GLU B 264 4.77 -14.21 11.57
C GLU B 264 5.96 -14.26 10.60
N GLY B 265 6.76 -13.19 10.58
CA GLY B 265 7.89 -13.17 9.68
C GLY B 265 7.67 -12.21 8.54
N GLY B 266 6.41 -12.03 8.16
CA GLY B 266 6.08 -11.14 7.06
C GLY B 266 5.75 -9.73 7.53
N PHE B 267 5.46 -8.83 6.59
CA PHE B 267 5.14 -7.47 7.01
C PHE B 267 3.67 -7.15 7.17
N GLN B 268 3.38 -6.20 8.03
CA GLN B 268 2.03 -5.74 8.29
C GLN B 268 2.00 -4.42 7.56
N GLY B 269 0.81 -3.94 7.17
CA GLY B 269 0.76 -2.68 6.43
C GLY B 269 0.69 -1.39 7.23
N ARG B 270 0.27 -1.51 8.47
CA ARG B 270 0.15 -0.38 9.38
C ARG B 270 0.37 -0.90 10.80
N CYS B 271 0.96 -0.06 11.66
CA CYS B 271 1.20 -0.43 13.03
C CYS B 271 -0.07 -1.04 13.59
N ASN B 272 0.07 -2.08 14.39
CA ASN B 272 -1.13 -2.68 14.98
C ASN B 272 -2.24 -3.11 13.98
N LYS B 273 -1.88 -3.92 12.99
CA LYS B 273 -2.79 -4.49 11.97
C LYS B 273 -2.19 -5.81 11.49
N LEU B 274 -3.02 -6.73 11.01
CA LEU B 274 -2.57 -8.06 10.56
C LEU B 274 -1.47 -8.20 9.55
N VAL B 275 -0.73 -9.31 9.63
CA VAL B 275 0.30 -9.50 8.65
C VAL B 275 -0.42 -9.72 7.32
N ASP B 276 0.30 -9.54 6.22
CA ASP B 276 -0.34 -9.64 4.92
C ASP B 276 0.49 -10.13 3.77
N GLY B 277 -0.18 -10.78 2.81
CA GLY B 277 0.50 -11.34 1.64
C GLY B 277 1.51 -10.45 0.95
N CYS B 278 1.05 -9.37 0.31
CA CYS B 278 1.96 -8.44 -0.31
C CYS B 278 2.70 -7.89 0.85
N TYR B 279 3.09 -6.64 0.76
CA TYR B 279 3.78 -6.01 1.87
C TYR B 279 5.07 -6.77 2.05
N SER B 280 5.30 -7.65 1.11
CA SER B 280 6.52 -8.41 1.11
C SER B 280 7.27 -7.65 0.05
N PHE B 281 6.59 -6.70 -0.57
CA PHE B 281 7.24 -5.86 -1.57
C PHE B 281 6.94 -4.40 -1.25
N TRP B 282 5.71 -4.11 -0.84
CA TRP B 282 5.36 -2.74 -0.50
C TRP B 282 6.16 -2.29 0.71
N GLN B 283 6.59 -3.21 1.56
CA GLN B 283 7.34 -2.87 2.77
C GLN B 283 8.80 -3.22 2.67
N ALA B 284 9.06 -4.52 2.63
CA ALA B 284 10.41 -5.03 2.51
C ALA B 284 11.02 -4.39 1.27
N GLY B 285 10.17 -4.16 0.28
CA GLY B 285 10.63 -3.58 -0.97
C GLY B 285 11.16 -2.18 -0.86
N LEU B 286 11.05 -1.62 0.35
CA LEU B 286 11.54 -0.28 0.66
C LEU B 286 12.98 -0.30 1.11
N LEU B 287 13.37 -1.33 1.85
CA LEU B 287 14.72 -1.37 2.32
C LEU B 287 15.73 -1.26 1.17
N PRO B 288 15.44 -1.86 0.00
CA PRO B 288 16.44 -1.71 -1.05
C PRO B 288 16.58 -0.24 -1.38
N LEU B 289 15.45 0.46 -1.41
CA LEU B 289 15.44 1.88 -1.72
C LEU B 289 16.23 2.71 -0.70
N LEU B 290 15.86 2.60 0.58
CA LEU B 290 16.56 3.34 1.64
C LEU B 290 18.07 3.10 1.62
N HIS B 291 18.48 1.91 1.20
CA HIS B 291 19.88 1.54 1.15
C HIS B 291 20.55 2.49 0.15
N ARG B 292 20.06 2.48 -1.09
CA ARG B 292 20.62 3.32 -2.13
C ARG B 292 20.77 4.76 -1.65
N ALA B 293 19.78 5.25 -0.91
CA ALA B 293 19.84 6.61 -0.40
C ALA B 293 20.89 6.74 0.70
N LEU B 294 20.71 5.98 1.78
CA LEU B 294 21.64 6.02 2.90
C LEU B 294 23.09 5.85 2.41
N HIS B 295 23.26 5.11 1.32
CA HIS B 295 24.57 4.87 0.75
C HIS B 295 24.93 5.98 -0.21
N ALA B 296 23.93 6.59 -0.85
CA ALA B 296 24.18 7.70 -1.76
C ALA B 296 24.73 8.88 -0.95
N GLN B 297 24.40 8.91 0.35
CA GLN B 297 24.86 9.99 1.22
C GLN B 297 26.24 9.71 1.82
N GLY B 298 26.69 8.46 1.76
CA GLY B 298 27.99 8.12 2.32
C GLY B 298 27.82 7.03 3.37
N ASP B 299 27.18 7.37 4.47
CA ASP B 299 26.88 6.46 5.58
C ASP B 299 27.56 5.10 5.48
N PRO B 300 28.73 4.94 6.12
CA PRO B 300 29.52 3.71 6.13
C PRO B 300 29.00 2.51 6.97
N ALA B 301 27.85 2.64 7.64
CA ALA B 301 27.39 1.51 8.45
C ALA B 301 26.39 0.55 7.78
N LEU B 302 26.23 0.64 6.46
CA LEU B 302 25.29 -0.23 5.73
C LEU B 302 25.86 -1.62 5.44
N SER B 303 25.23 -2.67 5.95
CA SER B 303 25.73 -4.02 5.68
C SER B 303 26.04 -4.16 4.20
N MET B 304 27.03 -4.98 3.86
CA MET B 304 27.38 -5.17 2.45
C MET B 304 26.80 -6.48 1.96
N SER B 305 26.29 -7.27 2.89
CA SER B 305 25.75 -8.59 2.59
C SER B 305 24.23 -8.82 2.74
N HIS B 306 23.54 -7.89 3.39
CA HIS B 306 22.10 -8.04 3.59
C HIS B 306 21.28 -6.74 3.58
N TRP B 307 19.98 -6.90 3.33
CA TRP B 307 19.06 -5.79 3.36
C TRP B 307 18.87 -5.57 4.86
N MET B 308 18.12 -4.56 5.27
CA MET B 308 18.00 -4.33 6.70
C MET B 308 16.73 -4.89 7.32
N PHE B 309 16.23 -5.99 6.76
CA PHE B 309 15.07 -6.68 7.30
C PHE B 309 15.43 -8.15 7.38
N HIS B 310 14.69 -8.90 8.20
CA HIS B 310 14.97 -10.32 8.35
C HIS B 310 14.51 -11.00 7.06
N GLN B 311 15.47 -11.38 6.21
CA GLN B 311 15.16 -12.02 4.94
C GLN B 311 14.75 -13.48 5.15
N GLN B 312 15.51 -14.18 5.97
CA GLN B 312 15.25 -15.58 6.26
C GLN B 312 13.79 -15.75 6.68
N ALA B 313 13.33 -14.91 7.62
CA ALA B 313 11.98 -14.95 8.17
C ALA B 313 10.87 -14.61 7.18
N LEU B 314 11.14 -13.65 6.28
CA LEU B 314 10.16 -13.25 5.29
C LEU B 314 9.99 -14.39 4.29
N GLN B 315 11.10 -14.97 3.83
CA GLN B 315 11.02 -16.08 2.89
C GLN B 315 10.32 -17.25 3.54
N GLU B 316 10.69 -17.52 4.78
CA GLU B 316 10.07 -18.60 5.51
C GLU B 316 8.56 -18.36 5.62
N TYR B 317 8.10 -17.12 5.40
CA TYR B 317 6.66 -16.83 5.47
C TYR B 317 6.00 -17.07 4.13
N ILE B 318 6.44 -16.33 3.12
CA ILE B 318 5.90 -16.42 1.79
C ILE B 318 5.86 -17.86 1.32
N LEU B 319 6.93 -18.61 1.57
CA LEU B 319 7.02 -20.00 1.14
C LEU B 319 6.22 -20.99 1.96
N MET B 320 5.99 -20.67 3.21
CA MET B 320 5.30 -21.60 4.08
C MET B 320 3.86 -21.26 4.47
N CYS B 321 3.41 -20.04 4.19
CA CYS B 321 2.05 -19.62 4.55
C CYS B 321 1.22 -18.97 3.45
N CYS B 322 1.82 -18.63 2.31
CA CYS B 322 1.09 -17.97 1.23
C CYS B 322 0.87 -18.74 -0.07
N GLN B 323 1.44 -19.93 -0.17
CA GLN B 323 1.26 -20.69 -1.38
C GLN B 323 0.05 -21.58 -1.31
N CYS B 324 -0.80 -21.44 -2.31
CA CYS B 324 -2.01 -22.25 -2.43
C CYS B 324 -1.58 -23.46 -3.25
N PRO B 325 -2.08 -24.67 -2.90
CA PRO B 325 -1.68 -25.85 -3.66
C PRO B 325 -2.06 -25.65 -5.11
N ALA B 326 -3.31 -25.24 -5.32
CA ALA B 326 -3.83 -24.98 -6.64
C ALA B 326 -2.86 -24.12 -7.45
N GLY B 327 -2.28 -23.12 -6.80
CA GLY B 327 -1.34 -22.22 -7.46
C GLY B 327 -1.56 -20.80 -6.97
N GLY B 328 -0.69 -19.88 -7.39
CA GLY B 328 -0.80 -18.49 -6.98
C GLY B 328 -0.50 -18.35 -5.50
N LEU B 329 -0.31 -17.13 -5.01
CA LEU B 329 -0.05 -16.97 -3.59
C LEU B 329 -1.09 -16.11 -2.87
N LEU B 330 -1.16 -16.33 -1.57
CA LEU B 330 -2.14 -15.71 -0.69
C LEU B 330 -1.84 -14.46 0.14
N ASP B 331 -2.89 -14.01 0.82
CA ASP B 331 -2.81 -12.88 1.73
C ASP B 331 -2.10 -13.56 2.89
N LYS B 332 -2.89 -14.22 3.74
CA LYS B 332 -2.40 -14.96 4.89
C LYS B 332 -3.13 -16.28 4.77
N PRO B 333 -2.72 -17.33 5.49
CA PRO B 333 -3.42 -18.60 5.36
C PRO B 333 -4.96 -18.65 5.34
N GLY B 334 -5.48 -19.21 4.24
CA GLY B 334 -6.90 -19.36 4.03
C GLY B 334 -7.57 -18.05 3.67
N LYS B 335 -7.05 -17.39 2.65
CA LYS B 335 -7.58 -16.09 2.26
C LYS B 335 -7.87 -15.96 0.74
N SER B 336 -7.74 -17.06 -0.01
CA SER B 336 -8.05 -17.13 -1.46
C SER B 336 -7.01 -16.59 -2.42
N ARG B 337 -6.67 -17.38 -3.43
CA ARG B 337 -5.66 -16.98 -4.41
C ARG B 337 -6.11 -15.87 -5.33
N ASP B 338 -5.21 -14.92 -5.59
CA ASP B 338 -5.49 -13.83 -6.53
C ASP B 338 -4.26 -13.20 -7.15
N PHE B 339 -4.31 -13.04 -8.46
CA PHE B 339 -3.25 -12.48 -9.27
C PHE B 339 -2.53 -11.28 -8.74
N TYR B 340 -3.13 -10.64 -7.73
CA TYR B 340 -2.51 -9.49 -7.14
C TYR B 340 -1.47 -10.01 -6.17
N HIS B 341 -1.87 -10.72 -5.12
CA HIS B 341 -0.84 -11.19 -4.22
C HIS B 341 0.06 -12.15 -4.99
N THR B 342 -0.50 -12.91 -5.92
CA THR B 342 0.26 -13.89 -6.71
C THR B 342 1.52 -13.25 -7.29
N CYS B 343 1.49 -11.92 -7.37
CA CYS B 343 2.58 -11.14 -7.91
C CYS B 343 3.49 -10.51 -6.87
N TYR B 344 2.89 -9.86 -5.89
CA TYR B 344 3.62 -9.17 -4.84
C TYR B 344 4.23 -10.06 -3.74
N CYS B 345 3.95 -11.36 -3.77
CA CYS B 345 4.54 -12.30 -2.82
C CYS B 345 5.77 -12.85 -3.54
N LEU B 346 5.68 -12.95 -4.87
CA LEU B 346 6.78 -13.43 -5.67
C LEU B 346 7.78 -12.32 -5.88
N SER B 347 7.31 -11.09 -5.75
CA SER B 347 8.17 -9.93 -5.92
C SER B 347 8.89 -9.69 -4.60
N GLY B 348 8.17 -9.87 -3.51
CA GLY B 348 8.78 -9.68 -2.20
C GLY B 348 9.78 -10.78 -1.91
N LEU B 349 9.45 -12.00 -2.29
CA LEU B 349 10.34 -13.12 -2.07
C LEU B 349 11.64 -12.82 -2.78
N SER B 350 11.53 -12.40 -4.03
CA SER B 350 12.67 -12.05 -4.88
C SER B 350 13.52 -11.01 -4.19
N ILE B 351 12.84 -10.04 -3.58
CA ILE B 351 13.52 -8.97 -2.87
C ILE B 351 14.21 -9.54 -1.63
N ALA B 352 13.62 -10.58 -1.04
CA ALA B 352 14.15 -11.21 0.17
C ALA B 352 15.25 -12.24 -0.11
N GLN B 353 15.50 -12.52 -1.39
CA GLN B 353 16.52 -13.50 -1.78
C GLN B 353 17.65 -12.82 -2.53
N HIS B 354 17.43 -11.57 -2.93
CA HIS B 354 18.43 -10.87 -3.71
C HIS B 354 19.00 -9.61 -3.10
N PHE B 355 20.28 -9.65 -2.72
CA PHE B 355 20.97 -8.47 -2.17
C PHE B 355 22.16 -8.06 -3.04
N GLY B 356 22.31 -6.75 -3.18
CA GLY B 356 23.40 -6.23 -3.96
C GLY B 356 23.38 -4.73 -3.87
N SER B 357 24.58 -4.16 -3.72
CA SER B 357 24.74 -2.73 -3.64
C SER B 357 26.19 -2.53 -4.15
N GLY B 358 26.30 -2.08 -5.40
CA GLY B 358 27.60 -1.88 -5.99
C GLY B 358 28.13 -3.20 -6.51
N ALA B 359 29.42 -3.48 -6.25
CA ALA B 359 30.05 -4.73 -6.68
C ALA B 359 29.53 -5.94 -5.86
N MET B 360 29.26 -5.74 -4.57
CA MET B 360 28.74 -6.80 -3.70
C MET B 360 27.42 -7.35 -4.28
N LEU B 361 27.25 -8.67 -4.23
CA LEU B 361 26.05 -9.37 -4.72
C LEU B 361 25.93 -10.65 -3.91
N HIS B 362 25.19 -10.60 -2.80
CA HIS B 362 25.02 -11.77 -1.94
C HIS B 362 23.58 -12.23 -1.83
N ASP B 363 23.28 -13.45 -2.28
CA ASP B 363 21.91 -13.94 -2.21
C ASP B 363 21.69 -14.94 -1.10
N VAL B 364 20.46 -14.99 -0.61
CA VAL B 364 20.04 -15.91 0.44
C VAL B 364 18.85 -16.61 -0.17
N VAL B 365 18.85 -17.93 -0.17
CA VAL B 365 17.76 -18.66 -0.78
C VAL B 365 17.13 -19.70 0.15
N MET B 366 16.25 -19.29 1.05
CA MET B 366 15.63 -20.26 1.95
C MET B 366 14.86 -21.29 1.15
N GLY B 367 14.75 -22.49 1.70
CA GLY B 367 14.05 -23.56 1.02
C GLY B 367 15.00 -24.31 0.10
N VAL B 368 14.49 -24.80 -1.02
CA VAL B 368 15.33 -25.52 -1.97
C VAL B 368 15.98 -24.51 -2.91
N PRO B 369 17.19 -24.80 -3.39
CA PRO B 369 17.86 -23.86 -4.29
C PRO B 369 17.08 -23.60 -5.59
N GLU B 370 15.96 -24.29 -5.77
CA GLU B 370 15.14 -24.11 -6.97
C GLU B 370 14.13 -22.97 -6.76
N ASN B 371 14.11 -22.43 -5.55
CA ASN B 371 13.21 -21.35 -5.26
C ASN B 371 13.86 -20.04 -5.66
N VAL B 372 15.07 -20.11 -6.23
CA VAL B 372 15.76 -18.88 -6.62
C VAL B 372 14.99 -18.17 -7.70
N LEU B 373 14.38 -17.06 -7.31
CA LEU B 373 13.58 -16.26 -8.21
C LEU B 373 14.43 -15.28 -8.99
N GLN B 374 13.81 -14.68 -10.00
CA GLN B 374 14.47 -13.69 -10.83
C GLN B 374 14.45 -12.34 -10.13
N PRO B 375 15.55 -11.61 -10.24
CA PRO B 375 15.76 -10.29 -9.65
C PRO B 375 14.68 -9.35 -10.12
N THR B 376 14.34 -8.40 -9.26
CA THR B 376 13.32 -7.43 -9.58
C THR B 376 13.78 -6.05 -9.09
N HIS B 377 13.69 -5.05 -9.97
CA HIS B 377 14.09 -3.67 -9.67
C HIS B 377 13.13 -3.13 -8.61
N PRO B 378 13.68 -2.65 -7.48
CA PRO B 378 12.87 -2.13 -6.39
C PRO B 378 11.99 -0.92 -6.67
N VAL B 379 12.25 -0.17 -7.73
CA VAL B 379 11.43 1.00 -8.01
C VAL B 379 10.27 0.76 -8.95
N TYR B 380 10.53 0.05 -10.05
CA TYR B 380 9.50 -0.23 -11.05
C TYR B 380 8.97 -1.67 -10.94
N ASN B 381 9.51 -2.43 -10.00
CA ASN B 381 9.13 -3.83 -9.81
C ASN B 381 8.99 -4.60 -11.12
N ILE B 382 9.99 -4.49 -11.97
CA ILE B 382 10.01 -5.27 -13.19
C ILE B 382 11.47 -5.63 -13.31
N GLY B 383 11.73 -6.71 -14.05
CA GLY B 383 13.09 -7.17 -14.25
C GLY B 383 14.07 -6.03 -14.37
N PRO B 384 15.17 -6.04 -13.60
CA PRO B 384 16.14 -4.95 -13.69
C PRO B 384 16.72 -4.81 -15.09
N ASP B 385 16.61 -5.88 -15.89
CA ASP B 385 17.10 -5.88 -17.26
C ASP B 385 16.17 -5.13 -18.21
N LYS B 386 14.87 -5.37 -18.04
CA LYS B 386 13.84 -4.74 -18.83
C LYS B 386 13.83 -3.23 -18.60
N VAL B 387 14.17 -2.80 -17.38
CA VAL B 387 14.20 -1.36 -17.06
C VAL B 387 15.21 -0.69 -17.98
N ILE B 388 16.37 -1.32 -18.08
CA ILE B 388 17.47 -0.84 -18.93
C ILE B 388 17.02 -0.80 -20.39
N GLN B 389 16.54 -1.93 -20.90
CA GLN B 389 16.05 -1.97 -22.28
C GLN B 389 15.04 -0.84 -22.56
N ALA B 390 14.14 -0.60 -21.62
CA ALA B 390 13.12 0.44 -21.79
C ALA B 390 13.76 1.80 -21.99
N THR B 391 14.38 2.32 -20.95
CA THR B 391 15.03 3.62 -21.01
C THR B 391 16.00 3.73 -22.20
N THR B 392 17.03 2.88 -22.20
CA THR B 392 18.03 2.86 -23.26
C THR B 392 17.38 3.00 -24.63
N HIS B 393 16.14 2.51 -24.73
CA HIS B 393 15.40 2.58 -25.97
C HIS B 393 14.80 3.97 -26.14
N PHE B 394 13.97 4.38 -25.17
CA PHE B 394 13.30 5.68 -25.20
C PHE B 394 14.21 6.89 -25.07
N LEU B 395 15.37 6.69 -24.45
CA LEU B 395 16.34 7.77 -24.32
C LEU B 395 17.00 7.96 -25.66
N GLN B 396 16.22 7.97 -26.72
CA GLN B 396 16.73 8.19 -28.07
C GLN B 396 15.59 8.84 -28.82
N LYS B 397 14.87 9.75 -28.14
CA LYS B 397 13.74 10.43 -28.77
C LYS B 397 13.68 11.90 -28.31
ZN ZN C . -2.74 -8.13 0.38
C1 JAN D . -5.85 -2.59 0.85
N1 JAN D . -5.46 -3.93 0.48
C2 JAN D . -4.49 -4.66 1.11
N2 JAN D . -4.30 -5.85 0.63
C3 JAN D . -5.20 -5.96 -0.39
C4 JAN D . -5.94 -4.80 -0.50
C5 JAN D . -7.08 -4.35 -1.47
C6 JAN D . -6.63 -3.07 -2.32
C7 JAN D . -5.31 -2.98 -2.95
C8 JAN D . -4.93 -1.80 -3.69
C9 JAN D . -5.86 -0.74 -3.88
CL1 JAN D . -5.40 0.61 -4.78
C10 JAN D . -7.15 -0.81 -3.26
C11 JAN D . -7.53 -1.95 -2.52
N3 JAN D . -8.24 -4.05 -0.57
C12 JAN D . -7.40 -5.54 -2.42
C13 JAN D . -7.15 -5.47 -3.80
C14 JAN D . -7.40 -6.49 -4.72
C15 JAN D . -7.99 -6.76 -1.93
C16 JAN D . -8.28 -7.88 -2.77
C17 JAN D . -8.06 -7.81 -4.16
N4 JAN D . -8.30 -8.87 -5.05
C18 JAN D . -8.89 -10.12 -4.52
C19 JAN D . -8.04 -8.76 -6.47
O1 JAN D . -8.26 -9.69 -7.26
C20 JAN D . -7.47 -7.55 -6.95
C21 JAN D . -7.15 -6.42 -6.11
C22 JAN D . -6.56 -5.24 -6.80
C23 JAN D . -5.33 -4.72 -6.37
C24 JAN D . -4.73 -3.58 -7.04
CL2 JAN D . -3.24 -2.97 -6.54
C25 JAN D . -5.43 -2.94 -8.13
C26 JAN D . -6.72 -3.48 -8.54
C27 JAN D . -7.27 -4.62 -7.87
#